data_3T5M
#
_entry.id   3T5M
#
_cell.length_a   118.389
_cell.length_b   118.389
_cell.length_c   55.764
_cell.angle_alpha   90.00
_cell.angle_beta   90.00
_cell.angle_gamma   90.00
#
_symmetry.space_group_name_H-M   'P 43'
#
loop_
_entity.id
_entity.type
_entity.pdbx_description
1 polymer 'Microcin immunity protein MccF'
2 non-polymer 'ADENOSINE MONOPHOSPHATE'
3 non-polymer GLYCEROL
4 water water
#
_entity_poly.entity_id   1
_entity_poly.type   'polypeptide(L)'
_entity_poly.pdbx_seq_one_letter_code
;SNAMPLPKSLKYGDTIGIYSPSSPVTYTSPKRFERAKSYLLQKGFHILEGSLTGRYDYYRSGSIQERAKELNALIRNPNV
SCIMSTIGGMNSNSLLPYIDYDAFQNNPKIMIGYADATALLLGIYAKTGIPTFYGPALVPSFGEFEPFVDDTYKYFLETL
LHDQALPYNIKQPLFWSDEFINWEEKTKEKELRPNNWISVTNGQATGRVIGGNLNTIQGIWGSPYMPCIQEGDILFIEDS
SKDAATIERSFSFLKINGVFDKVSGIILGKHEQFDDCGTNRKPYEILLEVLQNQRIPLLADFDCCHTHPMITMPIGVQVK
MDATNKTIHILEKWKI
;
_entity_poly.pdbx_strand_id   A,B
#
loop_
_chem_comp.id
_chem_comp.type
_chem_comp.name
_chem_comp.formula
AMP non-polymer 'ADENOSINE MONOPHOSPHATE' 'C10 H14 N5 O7 P'
GOL non-polymer GLYCEROL 'C3 H8 O3'
#
# COMPACT_ATOMS: atom_id res chain seq x y z
N ASN A 2 -27.08 -7.57 23.64
CA ASN A 2 -26.83 -6.09 23.64
C ASN A 2 -26.88 -5.51 22.22
N ALA A 3 -28.05 -5.03 21.83
CA ALA A 3 -28.30 -4.61 20.45
C ALA A 3 -27.56 -3.32 20.10
N MET A 4 -27.75 -2.83 18.87
CA MET A 4 -26.99 -1.68 18.39
C MET A 4 -27.74 -0.79 17.39
N PRO A 5 -27.31 0.47 17.29
CA PRO A 5 -27.85 1.42 16.32
C PRO A 5 -27.60 0.93 14.90
N LEU A 6 -28.65 0.96 14.09
CA LEU A 6 -28.57 0.54 12.72
C LEU A 6 -29.15 1.65 11.88
N PRO A 7 -28.64 1.82 10.66
CA PRO A 7 -29.26 2.85 9.82
C PRO A 7 -30.69 2.44 9.49
N LYS A 8 -31.57 3.41 9.25
CA LYS A 8 -32.91 3.10 8.82
C LYS A 8 -32.84 2.55 7.40
N SER A 9 -33.77 1.66 7.07
CA SER A 9 -33.79 1.05 5.75
C SER A 9 -34.10 2.12 4.71
N LEU A 10 -33.55 1.92 3.51
CA LEU A 10 -33.87 2.77 2.38
C LEU A 10 -35.33 2.59 2.01
N LYS A 11 -35.97 3.67 1.58
CA LYS A 11 -37.36 3.60 1.12
C LYS A 11 -37.49 4.45 -0.13
N TYR A 12 -38.43 4.09 -1.00
CA TYR A 12 -38.64 4.85 -2.23
C TYR A 12 -38.87 6.31 -1.93
N GLY A 13 -38.29 7.17 -2.75
CA GLY A 13 -38.44 8.61 -2.59
C GLY A 13 -37.40 9.18 -1.64
N ASP A 14 -36.58 8.31 -1.06
CA ASP A 14 -35.49 8.76 -0.20
C ASP A 14 -34.44 9.50 -1.02
N THR A 15 -33.69 10.36 -0.35
CA THR A 15 -32.62 11.09 -0.99
C THR A 15 -31.28 10.40 -0.78
N ILE A 16 -30.62 10.09 -1.88
CA ILE A 16 -29.26 9.58 -1.86
C ILE A 16 -28.31 10.74 -2.14
N GLY A 17 -27.52 11.10 -1.14
CA GLY A 17 -26.49 12.11 -1.33
C GLY A 17 -25.25 11.49 -1.91
N ILE A 18 -24.65 12.15 -2.88
CA ILE A 18 -23.46 11.63 -3.53
C ILE A 18 -22.30 12.59 -3.34
N TYR A 19 -21.10 12.04 -3.18
CA TYR A 19 -19.90 12.83 -2.95
C TYR A 19 -18.75 12.18 -3.67
N SER A 20 -17.70 12.95 -3.92
CA SER A 20 -16.51 12.45 -4.60
C SER A 20 -15.31 12.57 -3.67
N PRO A 21 -14.98 11.48 -2.95
CA PRO A 21 -13.90 11.57 -1.96
C PRO A 21 -12.52 11.45 -2.60
N SER A 22 -12.47 11.06 -3.87
CA SER A 22 -11.20 10.90 -4.56
C SER A 22 -11.29 11.43 -6.00
N SER A 23 -11.38 10.53 -6.98
CA SER A 23 -11.30 10.93 -8.38
C SER A 23 -12.47 11.82 -8.81
N PRO A 24 -12.19 12.83 -9.68
CA PRO A 24 -13.22 13.75 -10.15
C PRO A 24 -14.06 13.18 -11.29
N VAL A 25 -14.76 12.08 -11.04
CA VAL A 25 -15.43 11.34 -12.09
C VAL A 25 -16.63 12.07 -12.71
N THR A 26 -17.29 12.93 -11.95
CA THR A 26 -18.45 13.65 -12.47
C THR A 26 -18.02 14.65 -13.55
N TYR A 27 -16.76 15.06 -13.51
CA TYR A 27 -16.22 15.94 -14.54
C TYR A 27 -15.69 15.14 -15.73
N THR A 28 -14.96 14.06 -15.43
CA THR A 28 -14.25 13.32 -16.47
C THR A 28 -15.12 12.31 -17.21
N SER A 29 -16.25 11.94 -16.61
CA SER A 29 -17.15 10.96 -17.21
C SER A 29 -18.59 11.43 -17.09
N PRO A 30 -18.95 12.48 -17.82
CA PRO A 30 -20.27 13.11 -17.66
C PRO A 30 -21.42 12.25 -18.19
N LYS A 31 -21.18 11.46 -19.22
CA LYS A 31 -22.22 10.61 -19.80
C LYS A 31 -22.64 9.50 -18.84
N ARG A 32 -21.66 8.83 -18.23
CA ARG A 32 -21.95 7.73 -17.33
C ARG A 32 -22.51 8.27 -16.03
N PHE A 33 -22.04 9.45 -15.62
CA PHE A 33 -22.57 10.11 -14.43
C PHE A 33 -24.06 10.43 -14.59
N GLU A 34 -24.41 11.06 -15.71
CA GLU A 34 -25.79 11.39 -16.01
C GLU A 34 -26.64 10.14 -16.10
N ARG A 35 -26.11 9.12 -16.76
CA ARG A 35 -26.84 7.88 -16.98
C ARG A 35 -27.09 7.15 -15.66
N ALA A 36 -26.13 7.23 -14.75
CA ALA A 36 -26.25 6.55 -13.46
C ALA A 36 -27.32 7.23 -12.62
N LYS A 37 -27.32 8.56 -12.67
CA LYS A 37 -28.26 9.35 -11.88
C LYS A 37 -29.68 9.12 -12.39
N SER A 38 -29.83 9.07 -13.71
CA SER A 38 -31.13 8.86 -14.33
C SER A 38 -31.67 7.48 -13.97
N TYR A 39 -30.77 6.51 -13.87
CA TYR A 39 -31.17 5.15 -13.53
C TYR A 39 -31.83 5.12 -12.16
N LEU A 40 -31.22 5.81 -11.19
CA LEU A 40 -31.75 5.84 -9.83
C LEU A 40 -32.98 6.74 -9.72
N LEU A 41 -33.07 7.74 -10.60
CA LEU A 41 -34.23 8.64 -10.60
C LEU A 41 -35.50 7.95 -11.11
N GLN A 42 -35.35 7.10 -12.12
CA GLN A 42 -36.47 6.36 -12.70
C GLN A 42 -36.96 5.28 -11.75
N LYS A 43 -36.14 4.92 -10.75
CA LYS A 43 -36.53 3.96 -9.72
C LYS A 43 -37.25 4.67 -8.57
N GLY A 44 -37.25 5.99 -8.59
CA GLY A 44 -38.02 6.78 -7.64
C GLY A 44 -37.21 7.39 -6.51
N PHE A 45 -35.89 7.38 -6.64
CA PHE A 45 -35.04 8.00 -5.63
C PHE A 45 -34.67 9.42 -6.04
N HIS A 46 -34.44 10.28 -5.05
CA HIS A 46 -33.92 11.61 -5.31
C HIS A 46 -32.42 11.61 -5.10
N ILE A 47 -31.71 12.43 -5.85
CA ILE A 47 -30.26 12.53 -5.70
C ILE A 47 -29.83 13.94 -5.34
N LEU A 48 -29.07 14.04 -4.25
CA LEU A 48 -28.52 15.32 -3.81
C LEU A 48 -27.04 15.36 -4.14
N GLU A 49 -26.68 16.16 -5.15
CA GLU A 49 -25.30 16.26 -5.59
C GLU A 49 -24.44 17.02 -4.59
N GLY A 50 -23.31 16.42 -4.21
CA GLY A 50 -22.39 17.06 -3.29
C GLY A 50 -21.81 18.33 -3.90
N SER A 51 -21.20 19.15 -3.06
CA SER A 51 -20.71 20.45 -3.48
C SER A 51 -19.53 20.37 -4.47
N LEU A 52 -18.86 19.23 -4.54
CA LEU A 52 -17.72 19.07 -5.43
C LEU A 52 -18.11 18.46 -6.78
N THR A 53 -19.41 18.22 -6.97
CA THR A 53 -19.88 17.67 -8.24
C THR A 53 -19.55 18.63 -9.39
N GLY A 54 -18.94 18.09 -10.43
CA GLY A 54 -18.58 18.86 -11.60
C GLY A 54 -17.20 19.51 -11.53
N ARG A 55 -16.65 19.59 -10.32
CA ARG A 55 -15.36 20.25 -10.12
C ARG A 55 -14.19 19.33 -10.47
N TYR A 56 -13.06 19.93 -10.83
CA TYR A 56 -11.90 19.17 -11.31
C TYR A 56 -10.59 19.69 -10.72
N ASP A 57 -9.94 18.86 -9.91
CA ASP A 57 -8.57 19.16 -9.44
C ASP A 57 -7.63 18.05 -9.88
N TYR A 58 -7.70 17.72 -11.17
CA TYR A 58 -6.81 16.75 -11.76
C TYR A 58 -7.06 15.33 -11.21
N TYR A 59 -6.13 14.81 -10.41
CA TYR A 59 -6.27 13.44 -9.89
C TYR A 59 -7.35 13.34 -8.81
N ARG A 60 -7.85 14.48 -8.34
CA ARG A 60 -8.88 14.49 -7.31
C ARG A 60 -9.94 15.55 -7.58
N SER A 61 -11.01 15.52 -6.79
CA SER A 61 -12.14 16.42 -6.98
C SER A 61 -11.89 17.77 -6.34
N GLY A 62 -10.96 17.81 -5.39
CA GLY A 62 -10.64 19.04 -4.68
C GLY A 62 -9.66 18.80 -3.56
N SER A 63 -9.37 19.86 -2.81
CA SER A 63 -8.44 19.78 -1.69
C SER A 63 -9.01 18.88 -0.60
N ILE A 64 -8.16 18.44 0.31
CA ILE A 64 -8.57 17.62 1.44
C ILE A 64 -9.73 18.26 2.21
N GLN A 65 -9.60 19.55 2.51
CA GLN A 65 -10.62 20.26 3.28
C GLN A 65 -11.93 20.38 2.50
N GLU A 66 -11.84 20.65 1.20
CA GLU A 66 -13.03 20.73 0.37
C GLU A 66 -13.79 19.41 0.37
N ARG A 67 -13.04 18.31 0.30
CA ARG A 67 -13.65 17.00 0.22
C ARG A 67 -14.30 16.57 1.53
N ALA A 68 -13.66 16.91 2.66
CA ALA A 68 -14.23 16.62 3.96
C ALA A 68 -15.50 17.46 4.15
N LYS A 69 -15.48 18.67 3.61
CA LYS A 69 -16.63 19.56 3.69
C LYS A 69 -17.80 19.01 2.89
N GLU A 70 -17.51 18.47 1.71
CA GLU A 70 -18.55 17.90 0.86
C GLU A 70 -19.26 16.76 1.58
N LEU A 71 -18.48 15.83 2.13
CA LEU A 71 -19.04 14.67 2.80
C LEU A 71 -19.77 15.06 4.08
N ASN A 72 -19.18 15.94 4.86
CA ASN A 72 -19.77 16.33 6.14
C ASN A 72 -21.11 17.07 5.97
N ALA A 73 -21.27 17.75 4.85
CA ALA A 73 -22.52 18.43 4.54
C ALA A 73 -23.63 17.42 4.35
N LEU A 74 -23.30 16.26 3.76
CA LEU A 74 -24.27 15.19 3.57
C LEU A 74 -24.57 14.50 4.89
N ILE A 75 -23.53 14.28 5.71
CA ILE A 75 -23.69 13.62 6.99
C ILE A 75 -24.57 14.43 7.94
N ARG A 76 -24.46 15.75 7.87
CA ARG A 76 -25.19 16.64 8.75
C ARG A 76 -26.58 16.98 8.22
N ASN A 77 -26.93 16.42 7.07
CA ASN A 77 -28.22 16.71 6.45
C ASN A 77 -29.26 15.65 6.80
N PRO A 78 -30.30 16.04 7.57
CA PRO A 78 -31.32 15.11 8.06
C PRO A 78 -32.15 14.45 6.96
N ASN A 79 -32.21 15.08 5.79
CA ASN A 79 -33.05 14.60 4.70
C ASN A 79 -32.36 13.58 3.80
N VAL A 80 -31.09 13.28 4.10
CA VAL A 80 -30.36 12.27 3.35
C VAL A 80 -30.43 10.93 4.07
N SER A 81 -30.90 9.89 3.37
CA SER A 81 -31.04 8.57 3.97
C SER A 81 -29.88 7.66 3.58
N CYS A 82 -29.14 8.05 2.54
CA CYS A 82 -28.06 7.22 2.01
C CYS A 82 -26.96 8.11 1.44
N ILE A 83 -25.73 7.77 1.78
CA ILE A 83 -24.57 8.52 1.31
C ILE A 83 -23.70 7.57 0.49
N MET A 84 -23.54 7.91 -0.79
CA MET A 84 -22.92 7.02 -1.77
C MET A 84 -21.81 7.76 -2.51
N SER A 85 -20.64 7.14 -2.59
CA SER A 85 -19.53 7.72 -3.32
C SER A 85 -19.79 7.61 -4.82
N THR A 86 -19.31 8.59 -5.59
CA THR A 86 -19.47 8.58 -7.03
C THR A 86 -18.51 7.57 -7.64
N ILE A 87 -17.34 7.46 -7.04
CA ILE A 87 -16.30 6.55 -7.51
C ILE A 87 -15.15 6.58 -6.53
N GLY A 88 -14.24 5.62 -6.65
CA GLY A 88 -13.09 5.55 -5.77
C GLY A 88 -11.93 6.40 -6.24
N GLY A 89 -10.72 5.86 -6.04
CA GLY A 89 -9.50 6.56 -6.36
C GLY A 89 -8.40 6.10 -5.41
N MET A 90 -7.64 7.04 -4.89
CA MET A 90 -6.59 6.72 -3.94
C MET A 90 -6.73 7.47 -2.63
N ASN A 91 -7.58 8.49 -2.58
CA ASN A 91 -7.38 9.52 -1.58
C ASN A 91 -8.50 9.77 -0.57
N SER A 92 -9.35 8.77 -0.36
CA SER A 92 -10.40 8.87 0.66
C SER A 92 -9.82 8.95 2.08
N ASN A 93 -8.69 8.28 2.31
CA ASN A 93 -8.15 8.22 3.67
C ASN A 93 -7.69 9.59 4.18
N SER A 94 -7.48 10.52 3.25
CA SER A 94 -7.14 11.89 3.61
C SER A 94 -8.20 12.53 4.49
N LEU A 95 -9.46 12.17 4.28
CA LEU A 95 -10.58 12.83 4.93
C LEU A 95 -10.80 12.38 6.37
N LEU A 96 -10.25 11.22 6.74
CA LEU A 96 -10.62 10.57 8.00
C LEU A 96 -10.51 11.44 9.26
N PRO A 97 -9.45 12.26 9.36
CA PRO A 97 -9.34 13.06 10.59
C PRO A 97 -10.41 14.14 10.72
N TYR A 98 -11.06 14.50 9.62
CA TYR A 98 -11.93 15.66 9.57
C TYR A 98 -13.41 15.34 9.46
N ILE A 99 -13.74 14.06 9.40
CA ILE A 99 -15.14 13.64 9.30
C ILE A 99 -15.89 13.85 10.61
N ASP A 100 -17.15 14.26 10.51
CA ASP A 100 -17.98 14.48 11.69
C ASP A 100 -18.66 13.19 12.10
N TYR A 101 -17.95 12.39 12.89
CA TYR A 101 -18.43 11.07 13.28
C TYR A 101 -19.54 11.18 14.33
N ASP A 102 -19.50 12.26 15.11
CA ASP A 102 -20.54 12.50 16.10
C ASP A 102 -21.86 12.77 15.40
N ALA A 103 -21.82 13.57 14.34
CA ALA A 103 -23.02 13.88 13.58
C ALA A 103 -23.58 12.63 12.90
N PHE A 104 -22.70 11.79 12.36
CA PHE A 104 -23.14 10.57 11.71
C PHE A 104 -23.85 9.67 12.71
N GLN A 105 -23.25 9.54 13.89
CA GLN A 105 -23.79 8.68 14.93
C GLN A 105 -25.06 9.25 15.54
N ASN A 106 -25.25 10.57 15.43
CA ASN A 106 -26.45 11.22 15.92
C ASN A 106 -27.62 10.95 14.97
N ASN A 107 -27.30 10.79 13.69
CA ASN A 107 -28.30 10.47 12.68
C ASN A 107 -27.75 9.48 11.67
N PRO A 108 -27.63 8.21 12.07
CA PRO A 108 -27.03 7.18 11.22
C PRO A 108 -27.68 7.09 9.84
N LYS A 109 -26.86 6.92 8.82
CA LYS A 109 -27.36 6.74 7.46
C LYS A 109 -26.73 5.50 6.84
N ILE A 110 -27.30 5.04 5.74
CA ILE A 110 -26.68 4.00 4.94
C ILE A 110 -25.47 4.59 4.23
N MET A 111 -24.29 4.08 4.55
CA MET A 111 -23.06 4.55 3.92
C MET A 111 -22.59 3.43 2.99
N ILE A 112 -22.50 3.71 1.70
CA ILE A 112 -22.24 2.67 0.72
C ILE A 112 -21.24 3.10 -0.36
N GLY A 113 -20.49 2.13 -0.86
CA GLY A 113 -19.47 2.38 -1.87
C GLY A 113 -18.46 1.27 -1.84
N TYR A 114 -17.44 1.36 -2.69
CA TYR A 114 -16.39 0.35 -2.68
C TYR A 114 -15.05 0.91 -3.14
N ALA A 115 -14.08 0.01 -3.30
CA ALA A 115 -12.74 0.39 -3.69
C ALA A 115 -12.13 1.36 -2.67
N ASP A 116 -11.66 2.51 -3.13
CA ASP A 116 -11.00 3.47 -2.26
C ASP A 116 -11.90 3.91 -1.10
N ALA A 117 -13.22 3.89 -1.32
CA ALA A 117 -14.16 4.31 -0.29
C ALA A 117 -14.12 3.40 0.94
N THR A 118 -13.44 2.26 0.82
CA THR A 118 -13.22 1.36 1.95
C THR A 118 -12.66 2.12 3.15
N ALA A 119 -11.79 3.09 2.89
CA ALA A 119 -11.21 3.88 3.97
C ALA A 119 -12.30 4.53 4.81
N LEU A 120 -13.33 5.03 4.14
CA LEU A 120 -14.41 5.74 4.81
C LEU A 120 -15.44 4.77 5.43
N LEU A 121 -15.75 3.71 4.70
CA LEU A 121 -16.68 2.70 5.21
C LEU A 121 -16.16 2.11 6.51
N LEU A 122 -14.88 1.72 6.52
CA LEU A 122 -14.27 1.13 7.70
C LEU A 122 -14.02 2.19 8.77
N GLY A 123 -13.71 3.40 8.34
CA GLY A 123 -13.45 4.49 9.27
C GLY A 123 -14.67 4.79 10.10
N ILE A 124 -15.80 4.92 9.42
CA ILE A 124 -17.08 5.21 10.08
C ILE A 124 -17.49 4.07 11.00
N TYR A 125 -17.35 2.83 10.55
CA TYR A 125 -17.67 1.68 11.39
C TYR A 125 -16.78 1.61 12.63
N ALA A 126 -15.49 1.89 12.46
CA ALA A 126 -14.54 1.82 13.56
C ALA A 126 -14.86 2.86 14.62
N LYS A 127 -15.30 4.04 14.17
CA LYS A 127 -15.57 5.15 15.06
C LYS A 127 -16.95 5.08 15.72
N THR A 128 -17.96 4.64 14.98
CA THR A 128 -19.35 4.73 15.44
C THR A 128 -19.99 3.38 15.75
N GLY A 129 -19.38 2.29 15.30
CA GLY A 129 -19.94 0.97 15.49
C GLY A 129 -21.14 0.67 14.60
N ILE A 130 -21.46 1.59 13.70
CA ILE A 130 -22.58 1.41 12.79
C ILE A 130 -22.13 0.65 11.54
N PRO A 131 -22.84 -0.44 11.20
CA PRO A 131 -22.41 -1.16 9.99
C PRO A 131 -22.46 -0.27 8.77
N THR A 132 -21.53 -0.48 7.84
CA THR A 132 -21.51 0.23 6.59
C THR A 132 -21.56 -0.81 5.48
N PHE A 133 -21.61 -0.37 4.23
CA PHE A 133 -21.91 -1.32 3.16
C PHE A 133 -20.92 -1.26 2.00
N TYR A 134 -20.31 -2.41 1.75
CA TYR A 134 -19.47 -2.56 0.58
C TYR A 134 -20.38 -2.89 -0.60
N GLY A 135 -20.52 -1.93 -1.50
CA GLY A 135 -21.53 -2.01 -2.53
C GLY A 135 -21.38 -0.93 -3.56
N PRO A 136 -22.43 -0.72 -4.36
CA PRO A 136 -22.38 0.19 -5.50
C PRO A 136 -21.88 1.58 -5.19
N ALA A 137 -21.02 2.08 -6.08
CA ALA A 137 -20.72 3.50 -6.16
C ALA A 137 -21.48 4.02 -7.37
N LEU A 138 -21.93 5.27 -7.32
CA LEU A 138 -22.86 5.77 -8.33
C LEU A 138 -22.42 5.52 -9.78
N VAL A 139 -21.27 6.04 -10.17
CA VAL A 139 -20.89 6.04 -11.57
C VAL A 139 -20.52 4.65 -12.12
N PRO A 140 -19.56 3.96 -11.46
CA PRO A 140 -19.23 2.64 -12.02
C PRO A 140 -20.37 1.63 -11.94
N SER A 141 -21.11 1.63 -10.84
CA SER A 141 -22.11 0.60 -10.60
C SER A 141 -23.46 0.86 -11.29
N PHE A 142 -23.98 2.06 -11.15
CA PHE A 142 -25.30 2.37 -11.70
C PHE A 142 -25.22 3.08 -13.05
N GLY A 143 -24.02 3.42 -13.47
CA GLY A 143 -23.79 3.95 -14.80
C GLY A 143 -23.60 2.81 -15.79
N GLU A 144 -23.49 1.59 -15.28
CA GLU A 144 -23.35 0.41 -16.11
C GLU A 144 -24.58 0.24 -17.00
N PHE A 145 -24.37 -0.11 -18.26
CA PHE A 145 -25.49 -0.38 -19.17
C PHE A 145 -26.16 -1.70 -18.80
N GLU A 146 -27.38 -1.90 -19.30
CA GLU A 146 -28.04 -3.19 -19.19
C GLU A 146 -27.17 -4.23 -19.88
N PRO A 147 -27.25 -5.50 -19.45
CA PRO A 147 -28.15 -6.06 -18.43
C PRO A 147 -27.63 -5.98 -17.00
N PHE A 148 -26.33 -5.82 -16.82
CA PHE A 148 -25.72 -6.02 -15.51
C PHE A 148 -26.19 -5.03 -14.45
N VAL A 149 -26.45 -3.79 -14.85
CA VAL A 149 -26.87 -2.79 -13.89
C VAL A 149 -28.15 -3.22 -13.18
N ASP A 150 -29.00 -3.97 -13.87
CA ASP A 150 -30.27 -4.41 -13.30
C ASP A 150 -30.07 -5.45 -12.19
N ASP A 151 -29.04 -6.27 -12.33
CA ASP A 151 -28.72 -7.24 -11.28
C ASP A 151 -28.15 -6.52 -10.05
N THR A 152 -27.21 -5.61 -10.29
CA THR A 152 -26.64 -4.82 -9.21
C THR A 152 -27.74 -4.10 -8.44
N TYR A 153 -28.70 -3.53 -9.17
CA TYR A 153 -29.80 -2.81 -8.53
C TYR A 153 -30.64 -3.76 -7.70
N LYS A 154 -30.88 -4.96 -8.22
CA LYS A 154 -31.69 -5.95 -7.52
C LYS A 154 -31.09 -6.28 -6.15
N TYR A 155 -29.78 -6.48 -6.08
CA TYR A 155 -29.12 -6.83 -4.82
C TYR A 155 -29.11 -5.64 -3.87
N PHE A 156 -28.94 -4.45 -4.46
CA PHE A 156 -28.98 -3.19 -3.74
C PHE A 156 -30.31 -3.07 -3.00
N LEU A 157 -31.40 -3.27 -3.73
CA LEU A 157 -32.75 -3.19 -3.16
C LEU A 157 -32.99 -4.26 -2.12
N GLU A 158 -32.78 -5.51 -2.52
CA GLU A 158 -33.08 -6.63 -1.65
C GLU A 158 -32.36 -6.49 -0.31
N THR A 159 -31.19 -5.87 -0.35
CA THR A 159 -30.39 -5.72 0.86
C THR A 159 -30.75 -4.46 1.66
N LEU A 160 -30.99 -3.35 0.97
CA LEU A 160 -31.14 -2.06 1.67
C LEU A 160 -32.58 -1.61 1.87
N LEU A 161 -33.49 -2.13 1.06
CA LEU A 161 -34.86 -1.63 1.04
C LEU A 161 -35.87 -2.69 1.52
N HIS A 162 -35.85 -3.85 0.88
CA HIS A 162 -36.77 -4.92 1.22
C HIS A 162 -36.56 -5.44 2.64
N ASP A 163 -37.64 -5.81 3.31
CA ASP A 163 -37.55 -6.54 4.56
C ASP A 163 -36.93 -7.90 4.28
N GLN A 164 -36.00 -8.33 5.14
CA GLN A 164 -35.38 -9.63 4.97
C GLN A 164 -35.41 -10.43 6.27
N ALA A 165 -35.93 -11.65 6.18
CA ALA A 165 -35.87 -12.59 7.28
C ALA A 165 -34.42 -13.08 7.38
N LEU A 166 -34.02 -13.46 8.58
CA LEU A 166 -32.68 -14.00 8.79
C LEU A 166 -32.77 -15.49 9.09
N PRO A 167 -31.78 -16.28 8.66
CA PRO A 167 -30.59 -15.90 7.89
C PRO A 167 -30.91 -15.47 6.47
N TYR A 168 -30.16 -14.48 5.99
CA TYR A 168 -30.37 -13.89 4.67
C TYR A 168 -29.36 -14.48 3.68
N ASN A 169 -29.86 -15.24 2.72
CA ASN A 169 -28.99 -15.89 1.73
C ASN A 169 -28.55 -14.94 0.62
N ILE A 170 -27.25 -14.77 0.47
CA ILE A 170 -26.70 -13.96 -0.61
C ILE A 170 -26.55 -14.84 -1.84
N LYS A 171 -27.42 -14.63 -2.82
CA LYS A 171 -27.46 -15.50 -3.98
C LYS A 171 -26.32 -15.21 -4.95
N GLN A 172 -25.83 -16.28 -5.57
CA GLN A 172 -24.77 -16.18 -6.57
C GLN A 172 -25.35 -15.67 -7.88
N PRO A 173 -24.81 -14.55 -8.40
CA PRO A 173 -25.25 -14.09 -9.71
C PRO A 173 -25.04 -15.16 -10.76
N LEU A 174 -25.89 -15.19 -11.79
CA LEU A 174 -25.77 -16.23 -12.82
C LEU A 174 -24.74 -15.88 -13.88
N PHE A 175 -24.49 -14.59 -14.07
CA PHE A 175 -23.53 -14.14 -15.07
C PHE A 175 -22.66 -13.02 -14.53
N TRP A 176 -21.50 -12.83 -15.15
CA TRP A 176 -20.60 -11.73 -14.76
C TRP A 176 -19.74 -11.28 -15.93
N SER A 177 -19.07 -10.14 -15.76
CA SER A 177 -18.11 -9.64 -16.74
C SER A 177 -17.13 -8.69 -16.05
N ASP A 178 -15.86 -8.72 -16.49
CA ASP A 178 -14.91 -7.70 -16.07
C ASP A 178 -14.37 -6.96 -17.30
N GLU A 179 -15.08 -7.07 -18.41
CA GLU A 179 -14.66 -6.43 -19.65
C GLU A 179 -14.49 -4.91 -19.53
N PHE A 180 -13.39 -4.44 -20.10
CA PHE A 180 -13.00 -3.03 -20.07
C PHE A 180 -13.52 -2.30 -21.31
N ILE A 181 -14.81 -1.98 -21.29
CA ILE A 181 -15.50 -1.39 -22.44
C ILE A 181 -16.80 -0.73 -21.98
N ASN A 182 -17.49 -0.06 -22.90
CA ASN A 182 -18.79 0.54 -22.62
C ASN A 182 -18.77 1.46 -21.40
N TRP A 183 -17.72 2.26 -21.27
CA TRP A 183 -17.64 3.19 -20.14
C TRP A 183 -18.57 4.37 -20.37
N GLU A 184 -18.24 5.23 -21.33
CA GLU A 184 -19.12 6.36 -21.66
C GLU A 184 -20.22 5.95 -22.63
N GLU A 185 -19.87 5.26 -23.70
CA GLU A 185 -20.84 4.82 -24.69
C GLU A 185 -20.79 3.31 -24.89
N LYS A 186 -21.93 2.73 -25.27
CA LYS A 186 -22.00 1.30 -25.54
C LYS A 186 -21.69 0.97 -27.00
N THR A 187 -20.63 0.20 -27.22
CA THR A 187 -20.17 -0.11 -28.56
C THR A 187 -20.41 -1.58 -28.89
N LYS A 188 -20.64 -2.39 -27.86
CA LYS A 188 -21.07 -3.76 -28.05
C LYS A 188 -21.63 -4.32 -26.74
N GLU A 189 -22.19 -5.52 -26.79
CA GLU A 189 -22.69 -6.15 -25.59
C GLU A 189 -21.56 -6.89 -24.89
N LYS A 190 -21.45 -6.70 -23.58
CA LYS A 190 -20.49 -7.46 -22.80
C LYS A 190 -20.86 -8.94 -22.83
N GLU A 191 -19.85 -9.79 -22.83
CA GLU A 191 -20.04 -11.22 -22.76
C GLU A 191 -20.72 -11.58 -21.44
N LEU A 192 -21.78 -12.38 -21.50
CA LEU A 192 -22.40 -12.91 -20.29
C LEU A 192 -21.70 -14.20 -19.92
N ARG A 193 -20.77 -14.11 -18.97
CA ARG A 193 -19.99 -15.28 -18.57
C ARG A 193 -20.69 -16.06 -17.48
N PRO A 194 -20.89 -17.37 -17.72
CA PRO A 194 -21.50 -18.19 -16.67
C PRO A 194 -20.68 -18.09 -15.39
N ASN A 195 -21.36 -17.87 -14.27
CA ASN A 195 -20.68 -17.56 -13.02
C ASN A 195 -20.53 -18.76 -12.10
N ASN A 196 -19.46 -18.74 -11.31
CA ASN A 196 -19.25 -19.72 -10.26
C ASN A 196 -18.44 -19.11 -9.14
N TRP A 197 -18.79 -19.44 -7.91
CA TRP A 197 -17.92 -19.17 -6.77
C TRP A 197 -17.01 -20.38 -6.64
N ILE A 198 -15.83 -20.19 -6.07
CA ILE A 198 -14.85 -21.26 -6.01
C ILE A 198 -14.60 -21.73 -4.58
N SER A 199 -14.75 -23.04 -4.36
CA SER A 199 -14.41 -23.64 -3.09
CA SER A 199 -14.41 -23.64 -3.08
C SER A 199 -12.93 -23.95 -3.09
N VAL A 200 -12.12 -23.00 -2.61
CA VAL A 200 -10.68 -23.15 -2.62
C VAL A 200 -10.20 -24.08 -1.52
N THR A 201 -10.77 -23.90 -0.34
CA THR A 201 -10.44 -24.72 0.82
C THR A 201 -11.72 -25.00 1.59
N ASN A 202 -12.06 -26.28 1.75
CA ASN A 202 -13.34 -26.64 2.33
C ASN A 202 -13.49 -26.21 3.79
N GLY A 203 -14.74 -26.04 4.21
CA GLY A 203 -15.05 -25.79 5.60
C GLY A 203 -16.10 -24.72 5.78
N GLN A 204 -16.39 -24.40 7.03
CA GLN A 204 -17.39 -23.38 7.36
C GLN A 204 -16.85 -22.46 8.43
N ALA A 205 -17.30 -21.21 8.39
CA ALA A 205 -16.91 -20.21 9.37
C ALA A 205 -18.11 -19.33 9.66
N THR A 206 -18.26 -18.96 10.93
CA THR A 206 -19.28 -18.00 11.33
C THR A 206 -18.63 -16.94 12.20
N GLY A 207 -18.76 -15.68 11.79
CA GLY A 207 -18.20 -14.59 12.54
C GLY A 207 -18.48 -13.25 11.90
N ARG A 208 -18.10 -12.18 12.59
CA ARG A 208 -18.25 -10.83 12.07
C ARG A 208 -17.39 -10.65 10.83
N VAL A 209 -18.02 -10.21 9.74
CA VAL A 209 -17.28 -9.98 8.51
C VAL A 209 -16.63 -8.59 8.55
N ILE A 210 -15.34 -8.55 8.26
CA ILE A 210 -14.59 -7.30 8.21
C ILE A 210 -13.73 -7.32 6.96
N GLY A 211 -13.65 -6.18 6.28
CA GLY A 211 -12.80 -6.09 5.11
C GLY A 211 -13.25 -5.07 4.09
N GLY A 212 -12.86 -5.32 2.85
CA GLY A 212 -13.11 -4.39 1.76
C GLY A 212 -12.00 -4.50 0.74
N ASN A 213 -11.63 -3.37 0.15
CA ASN A 213 -10.53 -3.32 -0.80
C ASN A 213 -9.19 -3.43 -0.05
N LEU A 214 -8.44 -4.48 -0.34
CA LEU A 214 -7.23 -4.79 0.44
C LEU A 214 -6.16 -3.73 0.25
N ASN A 215 -5.98 -3.27 -0.99
CA ASN A 215 -5.00 -2.23 -1.28
C ASN A 215 -5.29 -0.97 -0.47
N THR A 216 -6.57 -0.64 -0.32
CA THR A 216 -6.98 0.56 0.40
C THR A 216 -6.80 0.39 1.91
N ILE A 217 -6.98 -0.83 2.39
CA ILE A 217 -6.83 -1.13 3.81
C ILE A 217 -5.40 -0.87 4.28
N GLN A 218 -4.43 -1.03 3.39
CA GLN A 218 -3.05 -0.76 3.73
C GLN A 218 -2.79 0.73 3.94
N GLY A 219 -3.75 1.56 3.54
CA GLY A 219 -3.64 3.00 3.73
C GLY A 219 -4.24 3.50 5.04
N ILE A 220 -5.02 2.66 5.72
CA ILE A 220 -5.59 3.04 7.01
C ILE A 220 -5.11 2.13 8.13
N TRP A 221 -4.36 1.09 7.79
CA TRP A 221 -3.93 0.10 8.77
C TRP A 221 -3.18 0.73 9.94
N GLY A 222 -3.56 0.33 11.16
CA GLY A 222 -2.87 0.72 12.36
C GLY A 222 -3.45 1.96 13.02
N SER A 223 -4.33 2.64 12.29
CA SER A 223 -4.91 3.89 12.75
C SER A 223 -6.21 3.64 13.51
N PRO A 224 -6.74 4.69 14.16
CA PRO A 224 -8.04 4.60 14.84
C PRO A 224 -9.20 4.32 13.88
N TYR A 225 -8.93 4.42 12.58
CA TYR A 225 -9.98 4.31 11.57
C TYR A 225 -10.06 2.89 10.97
N MET A 226 -9.16 2.02 11.40
CA MET A 226 -9.22 0.62 11.02
C MET A 226 -9.77 -0.20 12.17
N PRO A 227 -10.93 -0.84 11.97
CA PRO A 227 -11.44 -1.68 13.06
C PRO A 227 -10.49 -2.84 13.35
N CYS A 228 -10.29 -3.14 14.63
CA CYS A 228 -9.40 -4.23 15.02
CA CYS A 228 -9.40 -4.23 15.03
C CYS A 228 -9.97 -5.58 14.62
N ILE A 229 -9.17 -6.37 13.92
CA ILE A 229 -9.54 -7.74 13.57
C ILE A 229 -9.49 -8.55 14.86
N GLN A 230 -10.56 -9.28 15.14
CA GLN A 230 -10.64 -10.08 16.35
C GLN A 230 -10.72 -11.56 16.00
N GLU A 231 -10.33 -12.41 16.95
CA GLU A 231 -10.43 -13.85 16.77
C GLU A 231 -11.84 -14.23 16.33
N GLY A 232 -11.93 -15.05 15.28
CA GLY A 232 -13.21 -15.53 14.81
C GLY A 232 -13.78 -14.75 13.63
N ASP A 233 -13.24 -13.56 13.37
CA ASP A 233 -13.73 -12.75 12.25
C ASP A 233 -13.64 -13.48 10.94
N ILE A 234 -14.54 -13.14 10.01
CA ILE A 234 -14.41 -13.58 8.63
C ILE A 234 -13.80 -12.44 7.83
N LEU A 235 -12.68 -12.69 7.18
CA LEU A 235 -12.00 -11.68 6.39
C LEU A 235 -12.57 -11.65 4.98
N PHE A 236 -13.03 -10.48 4.56
CA PHE A 236 -13.49 -10.29 3.20
C PHE A 236 -12.55 -9.30 2.50
N ILE A 237 -11.94 -9.74 1.41
CA ILE A 237 -11.00 -8.89 0.69
C ILE A 237 -11.16 -8.98 -0.82
N GLU A 238 -10.98 -7.86 -1.50
CA GLU A 238 -10.96 -7.86 -2.96
C GLU A 238 -9.95 -6.83 -3.45
N ASP A 239 -9.46 -7.05 -4.66
CA ASP A 239 -8.60 -6.08 -5.34
C ASP A 239 -8.97 -6.05 -6.81
N SER A 240 -8.52 -5.01 -7.50
CA SER A 240 -8.81 -4.84 -8.91
C SER A 240 -7.61 -4.27 -9.66
N SER A 241 -7.37 -4.80 -10.86
CA SER A 241 -6.41 -4.22 -11.80
C SER A 241 -4.98 -4.15 -11.26
N LYS A 242 -4.64 -5.07 -10.37
CA LYS A 242 -3.28 -5.22 -9.84
C LYS A 242 -2.58 -6.38 -10.55
N ASP A 243 -1.29 -6.54 -10.32
CA ASP A 243 -0.58 -7.70 -10.82
C ASP A 243 -0.23 -8.65 -9.69
N ALA A 244 0.34 -9.80 -10.05
CA ALA A 244 0.65 -10.84 -9.08
C ALA A 244 1.57 -10.33 -7.98
N ALA A 245 2.57 -9.53 -8.37
CA ALA A 245 3.54 -9.01 -7.41
C ALA A 245 2.84 -8.18 -6.34
N THR A 246 1.93 -7.32 -6.76
CA THR A 246 1.26 -6.41 -5.83
C THR A 246 0.42 -7.20 -4.83
N ILE A 247 -0.33 -8.20 -5.29
CA ILE A 247 -1.19 -8.93 -4.35
C ILE A 247 -0.42 -9.89 -3.45
N GLU A 248 0.74 -10.38 -3.88
CA GLU A 248 1.54 -11.19 -2.97
C GLU A 248 1.99 -10.30 -1.82
N ARG A 249 2.36 -9.05 -2.13
CA ARG A 249 2.78 -8.13 -1.08
C ARG A 249 1.64 -7.90 -0.09
N SER A 250 0.43 -7.71 -0.60
CA SER A 250 -0.73 -7.46 0.23
C SER A 250 -1.12 -8.67 1.09
N PHE A 251 -1.01 -9.86 0.51
CA PHE A 251 -1.33 -11.07 1.26
C PHE A 251 -0.29 -11.31 2.35
N SER A 252 0.98 -11.06 2.04
CA SER A 252 2.03 -11.22 3.04
C SER A 252 1.90 -10.14 4.12
N PHE A 253 1.41 -8.98 3.74
CA PHE A 253 1.13 -7.92 4.72
C PHE A 253 0.15 -8.44 5.77
N LEU A 254 -0.92 -9.07 5.33
CA LEU A 254 -1.88 -9.68 6.26
C LEU A 254 -1.21 -10.77 7.10
N LYS A 255 -0.41 -11.61 6.45
CA LYS A 255 0.23 -12.74 7.11
C LYS A 255 1.14 -12.29 8.27
N ILE A 256 1.99 -11.31 8.01
CA ILE A 256 2.95 -10.89 9.03
C ILE A 256 2.29 -10.07 10.12
N ASN A 257 1.06 -9.62 9.88
CA ASN A 257 0.29 -8.93 10.91
C ASN A 257 -0.52 -9.89 11.76
N GLY A 258 -0.41 -11.19 11.48
CA GLY A 258 -1.09 -12.19 12.27
C GLY A 258 -2.58 -12.27 12.00
N VAL A 259 -3.02 -11.69 10.90
CA VAL A 259 -4.45 -11.68 10.56
C VAL A 259 -4.98 -13.09 10.35
N PHE A 260 -4.18 -13.94 9.70
CA PHE A 260 -4.60 -15.30 9.38
C PHE A 260 -4.56 -16.21 10.61
N ASP A 261 -3.94 -15.74 11.69
CA ASP A 261 -3.97 -16.48 12.96
C ASP A 261 -5.30 -16.25 13.68
N LYS A 262 -6.02 -15.21 13.26
CA LYS A 262 -7.24 -14.80 13.95
C LYS A 262 -8.51 -15.22 13.21
N VAL A 263 -8.56 -14.98 11.92
CA VAL A 263 -9.80 -15.17 11.16
C VAL A 263 -10.19 -16.63 11.07
N SER A 264 -11.50 -16.88 11.04
CA SER A 264 -12.04 -18.23 10.95
CA SER A 264 -12.01 -18.25 10.94
C SER A 264 -12.29 -18.62 9.49
N GLY A 265 -12.32 -17.63 8.61
CA GLY A 265 -12.54 -17.89 7.20
C GLY A 265 -12.23 -16.69 6.32
N ILE A 266 -12.09 -16.93 5.02
CA ILE A 266 -11.77 -15.86 4.08
C ILE A 266 -12.70 -15.89 2.87
N ILE A 267 -13.23 -14.73 2.52
CA ILE A 267 -13.99 -14.54 1.30
C ILE A 267 -13.19 -13.63 0.38
N LEU A 268 -12.87 -14.13 -0.81
CA LEU A 268 -12.04 -13.39 -1.75
C LEU A 268 -12.85 -13.04 -2.99
N GLY A 269 -12.90 -11.75 -3.33
CA GLY A 269 -13.67 -11.31 -4.47
C GLY A 269 -12.97 -11.62 -5.77
N LYS A 270 -13.71 -11.58 -6.87
CA LYS A 270 -13.08 -11.66 -8.19
C LYS A 270 -12.07 -10.54 -8.31
N HIS A 271 -11.12 -10.70 -9.22
CA HIS A 271 -10.09 -9.69 -9.43
C HIS A 271 -10.16 -9.15 -10.84
N GLU A 272 -10.84 -8.02 -11.01
CA GLU A 272 -11.04 -7.41 -12.32
C GLU A 272 -9.70 -7.18 -13.03
N GLN A 273 -9.60 -7.66 -14.26
CA GLN A 273 -8.43 -7.38 -15.10
C GLN A 273 -7.11 -7.72 -14.42
N PHE A 274 -7.08 -8.87 -13.75
CA PHE A 274 -5.87 -9.31 -13.07
C PHE A 274 -4.72 -9.53 -14.05
N ASP A 275 -3.53 -9.10 -13.64
CA ASP A 275 -2.31 -9.30 -14.42
C ASP A 275 -1.46 -10.34 -13.72
N ASP A 276 -1.40 -11.55 -14.26
CA ASP A 276 -0.70 -12.65 -13.58
C ASP A 276 0.80 -12.67 -13.84
N CYS A 277 1.30 -11.67 -14.57
CA CYS A 277 2.73 -11.54 -14.84
C CYS A 277 3.30 -12.74 -15.61
N GLY A 278 2.46 -13.42 -16.36
CA GLY A 278 2.88 -14.57 -17.13
C GLY A 278 2.94 -15.87 -16.36
N THR A 279 2.53 -15.85 -15.09
CA THR A 279 2.58 -17.05 -14.25
C THR A 279 1.41 -17.99 -14.49
N ASN A 280 0.32 -17.47 -15.05
CA ASN A 280 -0.91 -18.25 -15.19
C ASN A 280 -1.52 -18.61 -13.85
N ARG A 281 -1.10 -17.93 -12.79
CA ARG A 281 -1.63 -18.18 -11.46
C ARG A 281 -2.84 -17.32 -11.17
N LYS A 282 -3.76 -17.88 -10.40
CA LYS A 282 -4.95 -17.16 -9.97
C LYS A 282 -4.66 -16.51 -8.63
N PRO A 283 -5.34 -15.39 -8.34
CA PRO A 283 -5.07 -14.72 -7.07
C PRO A 283 -5.13 -15.67 -5.86
N TYR A 284 -6.09 -16.59 -5.81
CA TYR A 284 -6.20 -17.46 -4.63
C TYR A 284 -5.04 -18.44 -4.50
N GLU A 285 -4.38 -18.76 -5.61
CA GLU A 285 -3.22 -19.65 -5.55
C GLU A 285 -2.01 -18.92 -4.96
N ILE A 286 -1.94 -17.61 -5.19
CA ILE A 286 -0.90 -16.79 -4.59
C ILE A 286 -1.16 -16.63 -3.08
N LEU A 287 -2.41 -16.41 -2.72
CA LEU A 287 -2.79 -16.34 -1.31
C LEU A 287 -2.46 -17.65 -0.61
N LEU A 288 -2.76 -18.77 -1.25
CA LEU A 288 -2.50 -20.06 -0.62
C LEU A 288 -1.02 -20.32 -0.38
N GLU A 289 -0.14 -19.83 -1.26
CA GLU A 289 1.29 -19.99 -0.97
C GLU A 289 1.66 -19.20 0.27
N VAL A 290 1.13 -17.99 0.38
CA VAL A 290 1.41 -17.15 1.54
C VAL A 290 0.91 -17.83 2.82
N LEU A 291 -0.23 -18.52 2.73
CA LEU A 291 -0.78 -19.24 3.88
C LEU A 291 0.09 -20.43 4.28
N GLN A 292 0.89 -20.93 3.34
CA GLN A 292 1.79 -22.05 3.62
C GLN A 292 1.00 -23.24 4.17
N ASN A 293 1.35 -23.73 5.37
CA ASN A 293 0.72 -24.94 5.88
C ASN A 293 -0.53 -24.68 6.72
N GLN A 294 -0.97 -23.43 6.79
CA GLN A 294 -2.16 -23.10 7.55
C GLN A 294 -3.42 -23.34 6.72
N ARG A 295 -4.37 -24.05 7.32
CA ARG A 295 -5.60 -24.38 6.64
C ARG A 295 -6.72 -23.45 7.06
N ILE A 296 -7.32 -22.76 6.09
CA ILE A 296 -8.41 -21.83 6.38
C ILE A 296 -9.49 -21.93 5.31
N PRO A 297 -10.75 -22.18 5.72
CA PRO A 297 -11.81 -22.24 4.72
C PRO A 297 -11.80 -20.96 3.87
N LEU A 298 -11.93 -21.11 2.57
CA LEU A 298 -11.77 -20.00 1.65
C LEU A 298 -12.70 -20.14 0.45
N LEU A 299 -13.55 -19.13 0.28
CA LEU A 299 -14.46 -19.06 -0.86
C LEU A 299 -13.99 -17.90 -1.73
N ALA A 300 -13.74 -18.16 -3.01
CA ALA A 300 -13.18 -17.13 -3.89
C ALA A 300 -14.08 -16.78 -5.05
N ASP A 301 -13.70 -15.73 -5.78
CA ASP A 301 -14.47 -15.19 -6.89
C ASP A 301 -15.85 -14.73 -6.45
N PHE A 302 -15.93 -14.22 -5.23
CA PHE A 302 -17.16 -13.64 -4.70
C PHE A 302 -17.48 -12.35 -5.45
N ASP A 303 -18.76 -12.13 -5.76
CA ASP A 303 -19.15 -11.02 -6.63
C ASP A 303 -19.43 -9.72 -5.88
N CYS A 304 -18.56 -9.38 -4.95
CA CYS A 304 -18.62 -8.10 -4.25
C CYS A 304 -17.28 -7.41 -4.47
N CYS A 305 -17.13 -6.80 -5.64
CA CYS A 305 -15.84 -6.29 -6.10
C CYS A 305 -16.03 -5.43 -7.37
N HIS A 306 -14.95 -5.22 -8.13
CA HIS A 306 -15.02 -4.34 -9.30
C HIS A 306 -15.71 -4.97 -10.51
N THR A 307 -15.91 -6.27 -10.50
CA THR A 307 -16.59 -6.92 -11.61
C THR A 307 -18.09 -6.64 -11.53
N HIS A 308 -18.80 -6.89 -12.63
CA HIS A 308 -20.24 -6.68 -12.69
C HIS A 308 -20.95 -8.03 -12.82
N PRO A 309 -22.12 -8.18 -12.16
CA PRO A 309 -22.79 -7.20 -11.30
C PRO A 309 -22.20 -7.18 -9.91
N MET A 310 -22.65 -6.26 -9.07
CA MET A 310 -22.12 -6.14 -7.73
C MET A 310 -23.14 -6.42 -6.64
N ILE A 311 -22.74 -7.27 -5.72
CA ILE A 311 -23.51 -7.58 -4.52
C ILE A 311 -23.32 -6.48 -3.49
N THR A 312 -24.36 -6.17 -2.71
CA THR A 312 -24.22 -5.25 -1.58
C THR A 312 -24.05 -6.04 -0.30
N MET A 313 -22.93 -5.81 0.38
CA MET A 313 -22.54 -6.60 1.53
C MET A 313 -22.42 -5.74 2.78
N PRO A 314 -23.17 -6.06 3.83
CA PRO A 314 -22.97 -5.31 5.08
C PRO A 314 -21.67 -5.69 5.76
N ILE A 315 -21.02 -4.71 6.37
CA ILE A 315 -19.75 -4.93 7.05
C ILE A 315 -19.96 -4.72 8.54
N GLY A 316 -19.42 -5.63 9.35
CA GLY A 316 -19.50 -5.50 10.79
C GLY A 316 -20.61 -6.32 11.43
N VAL A 317 -21.24 -7.19 10.66
CA VAL A 317 -22.29 -8.06 11.19
C VAL A 317 -21.91 -9.53 11.03
N GLN A 318 -22.53 -10.39 11.85
CA GLN A 318 -22.27 -11.82 11.79
C GLN A 318 -22.68 -12.39 10.45
N VAL A 319 -21.82 -13.26 9.91
CA VAL A 319 -22.05 -13.93 8.64
C VAL A 319 -21.68 -15.40 8.80
N LYS A 320 -22.33 -16.26 8.03
CA LYS A 320 -21.87 -17.64 7.90
C LYS A 320 -21.42 -17.88 6.48
N MET A 321 -20.15 -18.26 6.32
CA MET A 321 -19.68 -18.71 5.03
C MET A 321 -19.51 -20.21 5.04
N ASP A 322 -20.00 -20.84 3.98
CA ASP A 322 -19.80 -22.25 3.76
C ASP A 322 -19.00 -22.38 2.48
N ALA A 323 -17.69 -22.58 2.62
CA ALA A 323 -16.81 -22.65 1.47
C ALA A 323 -17.00 -23.95 0.70
N THR A 324 -17.41 -25.00 1.42
CA THR A 324 -17.62 -26.31 0.80
C THR A 324 -18.81 -26.27 -0.16
N ASN A 325 -19.92 -25.71 0.32
CA ASN A 325 -21.15 -25.66 -0.46
C ASN A 325 -21.36 -24.30 -1.13
N LYS A 326 -20.38 -23.41 -0.97
CA LYS A 326 -20.39 -22.12 -1.64
C LYS A 326 -21.64 -21.29 -1.33
N THR A 327 -21.91 -21.07 -0.05
CA THR A 327 -23.00 -20.20 0.35
C THR A 327 -22.53 -19.15 1.34
N ILE A 328 -23.21 -18.01 1.33
CA ILE A 328 -22.96 -16.95 2.32
C ILE A 328 -24.32 -16.50 2.86
N HIS A 329 -24.45 -16.46 4.18
CA HIS A 329 -25.66 -16.00 4.84
C HIS A 329 -25.34 -14.87 5.81
N ILE A 330 -26.16 -13.83 5.81
CA ILE A 330 -26.05 -12.78 6.83
C ILE A 330 -26.98 -13.14 7.99
N LEU A 331 -26.43 -13.19 9.20
CA LEU A 331 -27.15 -13.74 10.35
C LEU A 331 -27.69 -12.68 11.30
N GLU A 332 -27.39 -11.42 11.00
CA GLU A 332 -27.63 -10.34 11.95
C GLU A 332 -28.23 -9.13 11.23
N LYS A 333 -29.15 -8.44 11.88
CA LYS A 333 -29.77 -7.26 11.30
C LYS A 333 -28.71 -6.20 10.98
N TRP A 334 -28.81 -5.61 9.80
CA TRP A 334 -27.90 -4.54 9.39
C TRP A 334 -28.65 -3.24 9.15
N LYS A 335 -29.98 -3.30 9.26
CA LYS A 335 -30.79 -2.11 9.07
C LYS A 335 -32.13 -2.28 9.80
N ILE A 336 -32.87 -1.19 9.92
CA ILE A 336 -34.23 -1.25 10.45
C ILE A 336 -35.24 -0.94 9.35
N MET B 4 23.66 -0.99 22.01
CA MET B 4 23.44 -1.30 20.57
C MET B 4 24.55 -2.20 20.02
N PRO B 5 24.20 -3.40 19.58
CA PRO B 5 25.19 -4.27 18.94
C PRO B 5 25.45 -3.80 17.52
N LEU B 6 26.70 -3.82 17.08
CA LEU B 6 27.07 -3.20 15.81
C LEU B 6 27.80 -4.17 14.89
N PRO B 7 27.60 -4.01 13.57
CA PRO B 7 28.32 -4.82 12.60
C PRO B 7 29.76 -4.33 12.44
N LYS B 8 30.66 -5.20 11.99
CA LYS B 8 32.03 -4.79 11.74
C LYS B 8 32.14 -3.99 10.46
N SER B 9 33.05 -3.02 10.46
CA SER B 9 33.33 -2.23 9.26
C SER B 9 33.72 -3.15 8.12
N LEU B 10 33.30 -2.78 6.91
CA LEU B 10 33.76 -3.45 5.70
C LEU B 10 35.25 -3.22 5.54
N LYS B 11 35.93 -4.21 4.97
CA LYS B 11 37.36 -4.10 4.70
C LYS B 11 37.63 -4.64 3.31
N TYR B 12 38.65 -4.09 2.64
CA TYR B 12 39.04 -4.61 1.33
C TYR B 12 39.42 -6.07 1.48
N GLY B 13 38.92 -6.89 0.57
CA GLY B 13 39.17 -8.31 0.61
C GLY B 13 37.99 -9.08 1.20
N ASP B 14 37.03 -8.34 1.76
CA ASP B 14 35.83 -8.96 2.33
C ASP B 14 34.92 -9.48 1.23
N THR B 15 34.03 -10.38 1.61
CA THR B 15 33.04 -10.94 0.68
C THR B 15 31.67 -10.32 0.90
N ILE B 16 31.10 -9.80 -0.17
CA ILE B 16 29.74 -9.30 -0.16
C ILE B 16 28.83 -10.37 -0.73
N GLY B 17 27.89 -10.84 0.08
CA GLY B 17 26.92 -11.81 -0.36
C GLY B 17 25.71 -11.10 -0.94
N ILE B 18 25.25 -11.55 -2.10
CA ILE B 18 24.12 -10.93 -2.76
C ILE B 18 22.96 -11.90 -2.88
N TYR B 19 21.74 -11.36 -2.77
CA TYR B 19 20.54 -12.18 -2.82
C TYR B 19 19.46 -11.40 -3.55
N SER B 20 18.45 -12.12 -4.03
CA SER B 20 17.35 -11.51 -4.78
C SER B 20 16.02 -11.78 -4.07
N PRO B 21 15.64 -10.88 -3.16
CA PRO B 21 14.43 -11.12 -2.36
C PRO B 21 13.14 -10.84 -3.13
N SER B 22 13.25 -10.30 -4.33
CA SER B 22 12.07 -9.95 -5.11
C SER B 22 12.32 -10.16 -6.60
N SER B 23 12.51 -9.08 -7.35
CA SER B 23 12.62 -9.18 -8.80
C SER B 23 13.86 -9.97 -9.24
N PRO B 24 13.71 -10.81 -10.28
CA PRO B 24 14.82 -11.65 -10.77
C PRO B 24 15.75 -10.89 -11.72
N VAL B 25 16.37 -9.82 -11.21
CA VAL B 25 17.15 -8.92 -12.05
C VAL B 25 18.41 -9.57 -12.63
N THR B 26 18.98 -10.55 -11.94
CA THR B 26 20.19 -11.19 -12.41
C THR B 26 19.90 -12.03 -13.66
N TYR B 27 18.63 -12.33 -13.88
CA TYR B 27 18.21 -13.03 -15.09
C TYR B 27 17.81 -12.06 -16.20
N THR B 28 17.06 -11.02 -15.83
CA THR B 28 16.47 -10.12 -16.82
C THR B 28 17.40 -9.00 -17.27
N SER B 29 18.42 -8.70 -16.47
CA SER B 29 19.37 -7.64 -16.79
C SER B 29 20.79 -8.10 -16.58
N PRO B 30 21.22 -9.10 -17.35
CA PRO B 30 22.52 -9.76 -17.16
C PRO B 30 23.72 -8.86 -17.40
N LYS B 31 23.61 -7.88 -18.30
CA LYS B 31 24.73 -7.00 -18.60
C LYS B 31 25.01 -6.02 -17.45
N ARG B 32 23.95 -5.45 -16.87
CA ARG B 32 24.12 -4.50 -15.78
C ARG B 32 24.57 -5.26 -14.53
N PHE B 33 24.10 -6.50 -14.40
CA PHE B 33 24.50 -7.36 -13.29
C PHE B 33 26.00 -7.67 -13.34
N GLU B 34 26.49 -8.06 -14.51
CA GLU B 34 27.91 -8.39 -14.66
C GLU B 34 28.78 -7.15 -14.49
N ARG B 35 28.28 -6.02 -14.98
CA ARG B 35 28.98 -4.75 -14.84
C ARG B 35 29.10 -4.37 -13.37
N ALA B 36 28.02 -4.58 -12.62
CA ALA B 36 28.01 -4.28 -11.19
C ALA B 36 28.98 -5.17 -10.41
N LYS B 37 28.97 -6.47 -10.69
CA LYS B 37 29.91 -7.38 -10.04
C LYS B 37 31.35 -6.97 -10.33
N SER B 38 31.64 -6.73 -11.61
CA SER B 38 33.00 -6.39 -12.02
C SER B 38 33.48 -5.12 -11.34
N TYR B 39 32.56 -4.18 -11.15
CA TYR B 39 32.91 -2.90 -10.54
C TYR B 39 33.43 -3.11 -9.13
N LEU B 40 32.70 -3.89 -8.34
CA LEU B 40 33.07 -4.13 -6.95
C LEU B 40 34.28 -5.05 -6.84
N LEU B 41 34.41 -5.99 -7.77
CA LEU B 41 35.57 -6.87 -7.81
C LEU B 41 36.85 -6.08 -8.04
N GLN B 42 36.77 -5.08 -8.89
CA GLN B 42 37.93 -4.25 -9.21
C GLN B 42 38.32 -3.38 -8.02
N LYS B 43 37.32 -2.97 -7.24
CA LYS B 43 37.57 -2.17 -6.05
C LYS B 43 38.25 -3.02 -4.99
N GLY B 44 38.07 -4.34 -5.09
CA GLY B 44 38.73 -5.26 -4.19
C GLY B 44 37.80 -6.00 -3.23
N PHE B 45 36.54 -6.17 -3.62
CA PHE B 45 35.62 -6.99 -2.81
C PHE B 45 35.18 -8.22 -3.58
N HIS B 46 35.11 -9.35 -2.88
CA HIS B 46 34.60 -10.59 -3.46
C HIS B 46 33.09 -10.56 -3.48
N ILE B 47 32.49 -11.28 -4.42
CA ILE B 47 31.03 -11.40 -4.48
C ILE B 47 30.64 -12.86 -4.37
N LEU B 48 29.81 -13.17 -3.37
CA LEU B 48 29.23 -14.51 -3.24
C LEU B 48 27.80 -14.46 -3.72
N GLU B 49 27.54 -15.10 -4.86
CA GLU B 49 26.21 -15.11 -5.46
C GLU B 49 25.28 -16.05 -4.71
N GLY B 50 24.14 -15.52 -4.27
CA GLY B 50 23.15 -16.32 -3.57
C GLY B 50 22.58 -17.40 -4.48
N SER B 51 21.88 -18.36 -3.88
CA SER B 51 21.41 -19.55 -4.58
C SER B 51 20.38 -19.29 -5.68
N LEU B 52 19.75 -18.12 -5.68
CA LEU B 52 18.74 -17.82 -6.70
C LEU B 52 19.29 -16.94 -7.82
N THR B 53 20.59 -16.69 -7.82
CA THR B 53 21.21 -15.91 -8.88
C THR B 53 21.02 -16.63 -10.21
N GLY B 54 20.49 -15.91 -11.19
CA GLY B 54 20.30 -16.44 -12.53
C GLY B 54 18.97 -17.15 -12.73
N ARG B 55 18.19 -17.31 -11.66
CA ARG B 55 16.89 -17.99 -11.74
C ARG B 55 15.76 -17.01 -12.08
N TYR B 56 14.67 -17.54 -12.62
CA TYR B 56 13.55 -16.73 -13.07
C TYR B 56 12.21 -17.37 -12.70
N ASP B 57 11.42 -16.67 -11.89
CA ASP B 57 10.03 -17.07 -11.64
C ASP B 57 9.13 -15.87 -11.96
N TYR B 58 9.30 -15.35 -13.17
CA TYR B 58 8.46 -14.29 -13.68
C TYR B 58 8.62 -12.97 -12.91
N TYR B 59 7.68 -12.62 -12.04
CA TYR B 59 7.80 -11.37 -11.28
C TYR B 59 8.76 -11.47 -10.12
N ARG B 60 9.23 -12.69 -9.82
CA ARG B 60 10.12 -12.90 -8.69
C ARG B 60 11.21 -13.91 -9.00
N SER B 61 12.19 -14.01 -8.10
CA SER B 61 13.32 -14.92 -8.28
C SER B 61 12.95 -16.37 -7.97
N GLY B 62 11.99 -16.55 -7.08
CA GLY B 62 11.58 -17.88 -6.69
C GLY B 62 10.51 -17.88 -5.62
N SER B 63 10.19 -19.07 -5.12
CA SER B 63 9.16 -19.23 -4.09
C SER B 63 9.55 -18.50 -2.81
N ILE B 64 8.56 -18.31 -1.93
CA ILE B 64 8.82 -17.69 -0.64
C ILE B 64 9.87 -18.47 0.13
N GLN B 65 9.73 -19.80 0.19
CA GLN B 65 10.68 -20.62 0.93
C GLN B 65 12.07 -20.54 0.33
N GLU B 66 12.17 -20.58 -0.99
CA GLU B 66 13.47 -20.54 -1.66
C GLU B 66 14.20 -19.21 -1.43
N ARG B 67 13.44 -18.12 -1.42
CA ARG B 67 14.03 -16.81 -1.21
C ARG B 67 14.53 -16.65 0.22
N ALA B 68 13.77 -17.18 1.17
CA ALA B 68 14.16 -17.13 2.58
C ALA B 68 15.43 -17.96 2.79
N LYS B 69 15.51 -19.11 2.12
CA LYS B 69 16.68 -19.95 2.22
C LYS B 69 17.91 -19.27 1.63
N GLU B 70 17.72 -18.55 0.52
CA GLU B 70 18.84 -17.84 -0.10
C GLU B 70 19.43 -16.84 0.88
N LEU B 71 18.57 -16.04 1.51
CA LEU B 71 19.05 -15.01 2.42
C LEU B 71 19.65 -15.62 3.68
N ASN B 72 19.01 -16.66 4.21
CA ASN B 72 19.48 -17.29 5.45
C ASN B 72 20.85 -17.93 5.28
N ALA B 73 21.13 -18.46 4.11
CA ALA B 73 22.45 -19.06 3.84
C ALA B 73 23.55 -18.01 3.95
N LEU B 74 23.23 -16.77 3.58
CA LEU B 74 24.20 -15.68 3.66
C LEU B 74 24.35 -15.21 5.12
N ILE B 75 23.23 -15.06 5.81
CA ILE B 75 23.24 -14.69 7.22
C ILE B 75 24.08 -15.68 8.04
N ARG B 76 23.97 -16.95 7.71
CA ARG B 76 24.63 -18.01 8.49
C ARG B 76 26.07 -18.26 8.06
N ASN B 77 26.50 -17.58 7.00
CA ASN B 77 27.85 -17.76 6.46
C ASN B 77 28.84 -16.82 7.13
N PRO B 78 29.77 -17.38 7.93
CA PRO B 78 30.71 -16.54 8.68
C PRO B 78 31.72 -15.81 7.79
N ASN B 79 31.83 -16.23 6.54
CA ASN B 79 32.76 -15.61 5.59
C ASN B 79 32.19 -14.37 4.91
N VAL B 80 30.90 -14.10 5.12
CA VAL B 80 30.25 -12.95 4.50
C VAL B 80 30.18 -11.79 5.48
N SER B 81 30.72 -10.63 5.08
CA SER B 81 30.75 -9.46 5.95
C SER B 81 29.62 -8.48 5.65
N CYS B 82 29.05 -8.60 4.45
CA CYS B 82 28.05 -7.65 3.98
C CYS B 82 27.02 -8.36 3.13
N ILE B 83 25.74 -8.11 3.39
CA ILE B 83 24.66 -8.73 2.64
C ILE B 83 23.90 -7.63 1.89
N MET B 84 23.85 -7.77 0.57
CA MET B 84 23.34 -6.72 -0.30
C MET B 84 22.31 -7.27 -1.26
N SER B 85 21.15 -6.62 -1.35
CA SER B 85 20.13 -7.05 -2.29
C SER B 85 20.57 -6.71 -3.71
N THR B 86 20.16 -7.53 -4.68
CA THR B 86 20.49 -7.27 -6.07
C THR B 86 19.62 -6.16 -6.60
N ILE B 87 18.38 -6.13 -6.14
CA ILE B 87 17.41 -5.13 -6.55
C ILE B 87 16.15 -5.31 -5.71
N GLY B 88 15.23 -4.37 -5.81
CA GLY B 88 13.98 -4.45 -5.07
C GLY B 88 12.91 -5.20 -5.81
N GLY B 89 11.69 -4.67 -5.73
CA GLY B 89 10.53 -5.31 -6.30
C GLY B 89 9.32 -5.02 -5.42
N MET B 90 8.51 -6.04 -5.16
CA MET B 90 7.32 -5.84 -4.33
C MET B 90 7.29 -6.81 -3.16
N ASN B 91 8.16 -7.81 -3.19
CA ASN B 91 7.86 -9.04 -2.45
C ASN B 91 8.85 -9.46 -1.36
N SER B 92 9.67 -8.52 -0.89
CA SER B 92 10.60 -8.83 0.19
C SER B 92 9.88 -9.15 1.50
N ASN B 93 8.72 -8.55 1.72
CA ASN B 93 8.03 -8.75 3.00
C ASN B 93 7.54 -10.18 3.20
N SER B 94 7.44 -10.94 2.11
CA SER B 94 7.06 -12.35 2.19
C SER B 94 8.06 -13.18 3.01
N LEU B 95 9.31 -12.73 3.05
CA LEU B 95 10.37 -13.52 3.68
C LEU B 95 10.40 -13.37 5.21
N LEU B 96 9.78 -12.32 5.73
CA LEU B 96 10.00 -11.93 7.12
C LEU B 96 9.74 -13.02 8.17
N PRO B 97 8.67 -13.83 8.00
CA PRO B 97 8.46 -14.87 9.03
C PRO B 97 9.56 -15.94 9.07
N TYR B 98 10.37 -16.03 8.03
CA TYR B 98 11.25 -17.18 7.84
C TYR B 98 12.73 -16.85 7.97
N ILE B 99 13.04 -15.59 8.25
CA ILE B 99 14.43 -15.17 8.40
C ILE B 99 15.03 -15.59 9.74
N ASP B 100 16.31 -15.99 9.71
CA ASP B 100 16.99 -16.45 10.92
C ASP B 100 17.58 -15.28 11.68
N TYR B 101 16.73 -14.60 12.46
CA TYR B 101 17.15 -13.38 13.14
C TYR B 101 18.17 -13.66 14.24
N ASP B 102 18.05 -14.82 14.89
CA ASP B 102 18.99 -15.19 15.93
C ASP B 102 20.41 -15.35 15.38
N ALA B 103 20.53 -15.95 14.20
CA ALA B 103 21.84 -16.10 13.56
C ALA B 103 22.44 -14.73 13.26
N PHE B 104 21.59 -13.78 12.86
CA PHE B 104 22.06 -12.44 12.55
C PHE B 104 22.53 -11.73 13.81
N GLN B 105 21.74 -11.84 14.87
CA GLN B 105 22.04 -11.17 16.13
C GLN B 105 23.30 -11.73 16.77
N ASN B 106 23.57 -13.02 16.56
CA ASN B 106 24.74 -13.66 17.15
C ASN B 106 26.04 -13.25 16.46
N ASN B 107 25.98 -13.05 15.14
CA ASN B 107 27.09 -12.44 14.41
C ASN B 107 26.58 -11.36 13.46
N PRO B 108 26.45 -10.13 13.95
CA PRO B 108 25.98 -8.99 13.16
C PRO B 108 26.80 -8.78 11.89
N LYS B 109 26.10 -8.54 10.78
CA LYS B 109 26.74 -8.20 9.53
C LYS B 109 26.17 -6.88 9.04
N ILE B 110 26.80 -6.31 8.01
CA ILE B 110 26.24 -5.15 7.34
C ILE B 110 25.13 -5.60 6.40
N MET B 111 23.93 -5.06 6.60
CA MET B 111 22.79 -5.37 5.75
C MET B 111 22.42 -4.09 5.01
N ILE B 112 22.48 -4.13 3.69
CA ILE B 112 22.31 -2.91 2.90
C ILE B 112 21.45 -3.13 1.65
N GLY B 113 20.75 -2.07 1.25
CA GLY B 113 19.88 -2.11 0.09
C GLY B 113 18.85 -1.00 0.21
N TYR B 114 17.89 -0.97 -0.70
CA TYR B 114 16.83 0.05 -0.63
C TYR B 114 15.56 -0.38 -1.34
N ALA B 115 14.63 0.57 -1.46
CA ALA B 115 13.32 0.31 -2.06
C ALA B 115 12.62 -0.86 -1.35
N ASP B 116 12.19 -1.85 -2.09
CA ASP B 116 11.47 -2.99 -1.51
C ASP B 116 12.25 -3.66 -0.38
N ALA B 117 13.57 -3.57 -0.42
CA ALA B 117 14.41 -4.20 0.59
C ALA B 117 14.22 -3.54 1.95
N THR B 118 13.54 -2.40 1.98
CA THR B 118 13.19 -1.73 3.24
C THR B 118 12.51 -2.71 4.19
N ALA B 119 11.70 -3.62 3.66
CA ALA B 119 11.00 -4.58 4.50
C ALA B 119 11.99 -5.39 5.34
N LEU B 120 13.09 -5.78 4.72
CA LEU B 120 14.10 -6.60 5.38
C LEU B 120 15.02 -5.75 6.26
N LEU B 121 15.34 -4.55 5.81
CA LEU B 121 16.19 -3.66 6.60
C LEU B 121 15.50 -3.33 7.93
N LEU B 122 14.23 -2.95 7.85
CA LEU B 122 13.49 -2.56 9.03
C LEU B 122 13.11 -3.78 9.89
N GLY B 123 12.85 -4.90 9.25
CA GLY B 123 12.50 -6.12 9.96
C GLY B 123 13.66 -6.62 10.79
N ILE B 124 14.84 -6.62 10.19
CA ILE B 124 16.04 -7.05 10.91
C ILE B 124 16.33 -6.09 12.06
N TYR B 125 16.22 -4.79 11.81
CA TYR B 125 16.43 -3.83 12.88
C TYR B 125 15.43 -4.01 14.01
N ALA B 126 14.17 -4.24 13.64
CA ALA B 126 13.10 -4.37 14.62
C ALA B 126 13.29 -5.61 15.49
N LYS B 127 13.78 -6.69 14.89
CA LYS B 127 13.91 -7.97 15.60
C LYS B 127 15.21 -8.05 16.41
N THR B 128 16.28 -7.41 15.95
CA THR B 128 17.60 -7.59 16.55
C THR B 128 18.19 -6.34 17.19
N GLY B 129 17.67 -5.16 16.82
CA GLY B 129 18.21 -3.91 17.32
C GLY B 129 19.51 -3.46 16.65
N ILE B 130 19.97 -4.24 15.67
CA ILE B 130 21.21 -3.93 14.97
C ILE B 130 20.94 -2.96 13.83
N PRO B 131 21.66 -1.83 13.79
CA PRO B 131 21.39 -0.88 12.70
C PRO B 131 21.60 -1.52 11.33
N THR B 132 20.77 -1.14 10.37
CA THR B 132 20.90 -1.59 9.00
C THR B 132 21.03 -0.35 8.12
N PHE B 133 21.24 -0.56 6.83
CA PHE B 133 21.66 0.56 5.98
C PHE B 133 20.82 0.74 4.73
N TYR B 134 20.24 1.94 4.60
CA TYR B 134 19.55 2.33 3.39
C TYR B 134 20.58 2.83 2.40
N GLY B 135 20.82 2.04 1.35
CA GLY B 135 21.88 2.35 0.42
C GLY B 135 21.87 1.45 -0.79
N PRO B 136 23.00 1.41 -1.51
CA PRO B 136 23.11 0.70 -2.78
C PRO B 136 22.59 -0.73 -2.77
N ALA B 137 21.83 -1.05 -3.83
CA ALA B 137 21.56 -2.42 -4.21
C ALA B 137 22.52 -2.71 -5.37
N LEU B 138 22.92 -3.96 -5.54
CA LEU B 138 24.00 -4.27 -6.47
C LEU B 138 23.75 -3.78 -7.90
N VAL B 139 22.62 -4.15 -8.49
CA VAL B 139 22.44 -3.92 -9.93
C VAL B 139 22.07 -2.47 -10.27
N PRO B 140 21.04 -1.90 -9.63
CA PRO B 140 20.77 -0.50 -10.00
C PRO B 140 21.87 0.49 -9.58
N SER B 141 22.49 0.27 -8.44
CA SER B 141 23.42 1.25 -7.89
C SER B 141 24.83 1.11 -8.44
N PHE B 142 25.36 -0.11 -8.45
CA PHE B 142 26.74 -0.34 -8.88
C PHE B 142 26.84 -0.78 -10.33
N GLY B 143 25.69 -1.02 -10.96
CA GLY B 143 25.65 -1.30 -12.38
C GLY B 143 25.51 -0.02 -13.19
N GLU B 144 25.36 1.10 -12.48
CA GLU B 144 25.27 2.40 -13.11
C GLU B 144 26.59 2.77 -13.80
N PHE B 145 26.50 3.40 -14.97
CA PHE B 145 27.70 3.84 -15.70
C PHE B 145 28.32 5.07 -15.04
N GLU B 146 29.53 5.42 -15.45
CA GLU B 146 30.14 6.67 -15.00
C GLU B 146 29.25 7.81 -15.51
N PRO B 147 29.27 8.96 -14.83
CA PRO B 147 30.06 9.32 -13.65
C PRO B 147 29.44 8.94 -12.30
N PHE B 148 28.13 8.74 -12.27
CA PHE B 148 27.42 8.66 -11.00
C PHE B 148 27.78 7.47 -10.11
N VAL B 149 28.16 6.34 -10.71
CA VAL B 149 28.46 5.16 -9.91
C VAL B 149 29.64 5.45 -8.96
N ASP B 150 30.56 6.29 -9.40
CA ASP B 150 31.75 6.60 -8.60
C ASP B 150 31.40 7.47 -7.39
N ASP B 151 30.37 8.28 -7.50
CA ASP B 151 29.91 9.10 -6.37
C ASP B 151 29.19 8.22 -5.36
N THR B 152 28.33 7.34 -5.87
CA THR B 152 27.64 6.37 -5.03
C THR B 152 28.65 5.55 -4.25
N TYR B 153 29.71 5.12 -4.93
CA TYR B 153 30.74 4.30 -4.32
C TYR B 153 31.46 5.07 -3.21
N LYS B 154 31.73 6.34 -3.44
CA LYS B 154 32.40 7.16 -2.44
C LYS B 154 31.58 7.24 -1.15
N TYR B 155 30.27 7.38 -1.28
CA TYR B 155 29.38 7.41 -0.11
C TYR B 155 29.36 6.06 0.57
N PHE B 156 29.41 5.01 -0.23
CA PHE B 156 29.38 3.63 0.24
C PHE B 156 30.59 3.36 1.14
N LEU B 157 31.77 3.77 0.68
CA LEU B 157 32.99 3.65 1.47
C LEU B 157 32.94 4.53 2.71
N GLU B 158 32.45 5.76 2.58
CA GLU B 158 32.41 6.70 3.70
C GLU B 158 31.65 6.11 4.89
N THR B 159 30.53 5.45 4.63
CA THR B 159 29.70 4.93 5.70
C THR B 159 30.16 3.56 6.20
N LEU B 160 30.54 2.68 5.29
CA LEU B 160 30.78 1.28 5.67
C LEU B 160 32.23 0.91 5.95
N LEU B 161 33.17 1.66 5.39
CA LEU B 161 34.58 1.24 5.43
C LEU B 161 35.48 2.20 6.21
N HIS B 162 35.40 3.49 5.88
CA HIS B 162 36.24 4.49 6.54
C HIS B 162 36.07 4.50 8.05
N ASP B 163 37.17 4.63 8.77
CA ASP B 163 37.11 5.03 10.17
C ASP B 163 36.51 6.43 10.16
N GLN B 164 35.37 6.59 10.82
CA GLN B 164 34.63 7.85 10.72
C GLN B 164 34.70 8.69 11.97
N ALA B 165 35.28 9.88 11.83
CA ALA B 165 35.25 10.88 12.87
C ALA B 165 33.81 11.40 13.00
N LEU B 166 33.26 11.33 14.19
CA LEU B 166 31.90 11.81 14.42
C LEU B 166 31.91 13.29 14.82
N PRO B 167 30.86 14.02 14.45
CA PRO B 167 29.76 13.58 13.58
C PRO B 167 30.13 13.49 12.12
N TYR B 168 29.56 12.47 11.47
CA TYR B 168 29.71 12.24 10.03
C TYR B 168 28.68 13.11 9.34
N ASN B 169 29.11 14.26 8.86
CA ASN B 169 28.23 15.13 8.11
C ASN B 169 28.01 14.53 6.74
N ILE B 170 26.75 14.27 6.42
CA ILE B 170 26.39 13.70 5.13
C ILE B 170 26.37 14.82 4.11
N LYS B 171 27.35 14.83 3.22
CA LYS B 171 27.52 15.94 2.29
C LYS B 171 26.63 15.78 1.08
N GLN B 172 26.02 16.90 0.67
CA GLN B 172 25.15 16.95 -0.48
C GLN B 172 25.95 16.82 -1.77
N PRO B 173 25.62 15.82 -2.60
CA PRO B 173 26.31 15.67 -3.89
C PRO B 173 26.09 16.89 -4.78
N LEU B 174 27.05 17.20 -5.64
CA LEU B 174 26.99 18.42 -6.45
C LEU B 174 25.96 18.28 -7.58
N PHE B 175 25.86 17.10 -8.16
CA PHE B 175 24.90 16.83 -9.23
C PHE B 175 24.14 15.53 -9.00
N TRP B 176 22.98 15.41 -9.64
CA TRP B 176 22.17 14.19 -9.58
C TRP B 176 21.48 13.94 -10.91
N SER B 177 20.84 12.78 -11.03
CA SER B 177 20.04 12.44 -12.20
C SER B 177 19.01 11.38 -11.85
N ASP B 178 17.79 11.52 -12.36
CA ASP B 178 16.79 10.47 -12.26
C ASP B 178 16.45 10.03 -13.68
N GLU B 179 17.29 10.41 -14.62
CA GLU B 179 17.06 10.15 -16.04
C GLU B 179 16.93 8.66 -16.36
N PHE B 180 15.99 8.36 -17.25
CA PHE B 180 15.59 7.00 -17.58
C PHE B 180 16.24 6.51 -18.87
N ILE B 181 17.49 6.06 -18.76
CA ILE B 181 18.30 5.56 -19.89
C ILE B 181 19.50 4.79 -19.36
N ASN B 182 20.30 4.24 -20.28
CA ASN B 182 21.55 3.58 -19.92
C ASN B 182 21.36 2.48 -18.89
N TRP B 183 20.33 1.67 -19.05
CA TRP B 183 20.11 0.57 -18.12
C TRP B 183 21.06 -0.59 -18.43
N GLU B 184 20.85 -1.27 -19.56
CA GLU B 184 21.74 -2.37 -19.96
C GLU B 184 22.95 -1.86 -20.76
N GLU B 185 22.67 -1.00 -21.73
CA GLU B 185 23.71 -0.49 -22.61
C GLU B 185 23.69 1.04 -22.62
N LYS B 186 24.87 1.64 -22.71
CA LYS B 186 24.98 3.09 -22.65
C LYS B 186 24.78 3.73 -24.03
N THR B 187 23.65 4.40 -24.19
CA THR B 187 23.30 5.04 -25.46
C THR B 187 23.67 6.52 -25.45
N LYS B 188 23.93 7.07 -24.27
CA LYS B 188 24.10 8.51 -24.14
C LYS B 188 24.71 8.90 -22.80
N GLU B 189 24.75 10.20 -22.55
CA GLU B 189 25.31 10.75 -21.32
C GLU B 189 24.16 11.36 -20.52
N LYS B 190 24.12 11.09 -19.22
CA LYS B 190 23.06 11.62 -18.38
C LYS B 190 23.28 13.08 -18.05
N GLU B 191 22.23 13.88 -18.22
CA GLU B 191 22.27 15.28 -17.84
C GLU B 191 22.61 15.39 -16.35
N LEU B 192 23.50 16.33 -16.01
CA LEU B 192 23.84 16.60 -14.63
C LEU B 192 22.90 17.67 -14.11
N ARG B 193 22.03 17.28 -13.19
CA ARG B 193 21.12 18.23 -12.56
C ARG B 193 21.83 18.89 -11.39
N PRO B 194 22.04 20.22 -11.46
CA PRO B 194 22.64 20.87 -10.29
C PRO B 194 21.79 20.58 -9.06
N ASN B 195 22.40 20.36 -7.91
CA ASN B 195 21.65 19.81 -6.80
C ASN B 195 21.35 20.80 -5.69
N ASN B 196 20.21 20.61 -5.03
CA ASN B 196 19.90 21.35 -3.83
C ASN B 196 19.00 20.56 -2.90
N TRP B 197 19.27 20.68 -1.61
CA TRP B 197 18.35 20.19 -0.62
C TRP B 197 17.37 21.32 -0.42
N ILE B 198 16.18 21.00 0.06
CA ILE B 198 15.15 22.02 0.23
C ILE B 198 14.80 22.26 1.68
N SER B 199 14.82 23.53 2.07
CA SER B 199 14.34 23.95 3.37
C SER B 199 12.87 24.26 3.25
N VAL B 200 12.04 23.25 3.49
CA VAL B 200 10.60 23.37 3.28
C VAL B 200 9.97 23.95 4.54
N THR B 201 10.46 23.51 5.69
CA THR B 201 10.03 24.04 6.98
C THR B 201 11.25 24.15 7.88
N ASN B 202 11.60 25.37 8.27
CA ASN B 202 12.80 25.59 9.06
C ASN B 202 12.72 24.89 10.41
N GLY B 203 13.87 24.51 10.94
CA GLY B 203 13.96 24.00 12.30
C GLY B 203 15.06 22.98 12.47
N GLN B 204 15.12 22.38 13.66
CA GLN B 204 16.14 21.40 13.99
C GLN B 204 15.49 20.26 14.75
N ALA B 205 16.00 19.07 14.55
CA ALA B 205 15.51 17.91 15.29
C ALA B 205 16.65 16.95 15.55
N THR B 206 16.62 16.29 16.69
CA THR B 206 17.52 15.17 16.93
C THR B 206 16.76 14.00 17.53
N GLY B 207 17.06 12.81 17.02
CA GLY B 207 16.47 11.60 17.50
C GLY B 207 16.83 10.47 16.57
N ARG B 208 16.47 9.26 16.97
CA ARG B 208 16.70 8.07 16.18
C ARG B 208 16.03 8.19 14.81
N VAL B 209 16.79 7.94 13.75
CA VAL B 209 16.23 7.97 12.40
C VAL B 209 15.59 6.63 12.07
N ILE B 210 14.36 6.70 11.56
CA ILE B 210 13.61 5.50 11.19
C ILE B 210 12.94 5.76 9.86
N GLY B 211 12.93 4.76 8.99
CA GLY B 211 12.24 4.91 7.72
C GLY B 211 12.84 4.11 6.57
N GLY B 212 12.61 4.61 5.36
CA GLY B 212 13.01 3.93 4.15
C GLY B 212 12.01 4.24 3.05
N ASN B 213 11.77 3.27 2.16
CA ASN B 213 10.76 3.41 1.14
C ASN B 213 9.37 3.38 1.76
N LEU B 214 8.61 4.45 1.55
CA LEU B 214 7.34 4.63 2.23
C LEU B 214 6.27 3.66 1.70
N ASN B 215 6.26 3.44 0.39
CA ASN B 215 5.35 2.48 -0.22
C ASN B 215 5.55 1.08 0.36
N THR B 216 6.80 0.74 0.62
CA THR B 216 7.15 -0.57 1.15
C THR B 216 6.79 -0.70 2.61
N ILE B 217 6.90 0.40 3.34
CA ILE B 217 6.58 0.42 4.77
C ILE B 217 5.12 0.06 5.02
N GLN B 218 4.25 0.42 4.08
CA GLN B 218 2.84 0.10 4.20
C GLN B 218 2.59 -1.40 4.02
N GLY B 219 3.63 -2.12 3.61
CA GLY B 219 3.56 -3.56 3.48
C GLY B 219 3.99 -4.30 4.74
N ILE B 220 4.58 -3.59 5.70
CA ILE B 220 4.97 -4.23 6.96
C ILE B 220 4.39 -3.51 8.18
N TRP B 221 3.66 -2.43 7.95
CA TRP B 221 3.12 -1.63 9.04
C TRP B 221 2.27 -2.47 9.99
N GLY B 222 2.47 -2.26 11.28
CA GLY B 222 1.68 -2.92 12.31
C GLY B 222 2.20 -4.28 12.74
N SER B 223 3.16 -4.81 12.00
CA SER B 223 3.70 -6.14 12.27
C SER B 223 4.89 -6.08 13.22
N PRO B 224 5.32 -7.24 13.73
CA PRO B 224 6.51 -7.32 14.58
C PRO B 224 7.78 -6.87 13.85
N TYR B 225 7.69 -6.70 12.54
CA TYR B 225 8.85 -6.37 11.72
C TYR B 225 8.95 -4.88 11.40
N MET B 226 7.99 -4.11 11.87
CA MET B 226 8.07 -2.66 11.77
C MET B 226 8.47 -2.09 13.13
N PRO B 227 9.63 -1.43 13.19
CA PRO B 227 10.00 -0.83 14.47
C PRO B 227 8.98 0.22 14.88
N CYS B 228 8.60 0.24 16.16
CA CYS B 228 7.63 1.21 16.64
CA CYS B 228 7.63 1.20 16.66
C CYS B 228 8.22 2.61 16.64
N ILE B 229 7.52 3.53 16.00
CA ILE B 229 7.96 4.91 15.95
C ILE B 229 7.67 5.56 17.31
N GLN B 230 8.67 6.24 17.84
CA GLN B 230 8.63 6.76 19.20
C GLN B 230 8.71 8.28 19.18
N GLU B 231 8.29 8.92 20.26
CA GLU B 231 8.35 10.36 20.34
C GLU B 231 9.79 10.83 20.22
N GLY B 232 10.05 11.72 19.27
CA GLY B 232 11.38 12.27 19.08
C GLY B 232 12.09 11.73 17.84
N ASP B 233 11.62 10.61 17.32
CA ASP B 233 12.23 10.01 16.13
C ASP B 233 12.25 11.00 14.98
N ILE B 234 13.28 10.89 14.14
CA ILE B 234 13.31 11.57 12.87
C ILE B 234 12.82 10.61 11.79
N LEU B 235 11.81 11.04 11.03
CA LEU B 235 11.25 10.20 9.98
C LEU B 235 11.95 10.42 8.65
N PHE B 236 12.49 9.36 8.08
CA PHE B 236 13.09 9.41 6.77
C PHE B 236 12.27 8.58 5.79
N ILE B 237 11.81 9.21 4.72
CA ILE B 237 10.94 8.54 3.75
C ILE B 237 11.29 8.93 2.33
N GLU B 238 11.22 7.96 1.43
CA GLU B 238 11.37 8.23 -0.01
C GLU B 238 10.45 7.34 -0.81
N ASP B 239 10.07 7.80 -1.99
CA ASP B 239 9.29 7.01 -2.92
C ASP B 239 9.80 7.27 -4.33
N SER B 240 9.40 6.43 -5.27
CA SER B 240 9.91 6.51 -6.63
CA SER B 240 9.89 6.54 -6.63
C SER B 240 8.89 6.04 -7.67
N SER B 241 8.80 6.79 -8.76
CA SER B 241 7.99 6.40 -9.92
C SER B 241 6.52 6.21 -9.58
N LYS B 242 6.04 6.97 -8.60
CA LYS B 242 4.63 7.02 -8.25
C LYS B 242 4.03 8.32 -8.78
N ASP B 243 2.73 8.50 -8.59
CA ASP B 243 2.07 9.74 -8.98
C ASP B 243 1.52 10.46 -7.76
N ALA B 244 0.97 11.66 -7.97
CA ALA B 244 0.53 12.49 -6.85
C ALA B 244 -0.51 11.79 -6.00
N ALA B 245 -1.41 11.07 -6.65
CA ALA B 245 -2.49 10.37 -5.95
C ALA B 245 -1.91 9.35 -4.97
N THR B 246 -0.91 8.59 -5.41
CA THR B 246 -0.33 7.55 -4.59
C THR B 246 0.35 8.13 -3.35
N ILE B 247 1.18 9.15 -3.53
CA ILE B 247 1.91 9.70 -2.39
C ILE B 247 1.01 10.46 -1.42
N GLU B 248 -0.07 11.07 -1.91
CA GLU B 248 -1.01 11.70 -0.97
C GLU B 248 -1.59 10.64 -0.05
N ARG B 249 -1.90 9.46 -0.59
CA ARG B 249 -2.43 8.39 0.23
C ARG B 249 -1.42 7.93 1.27
N SER B 250 -0.15 7.84 0.87
CA SER B 250 0.90 7.41 1.78
C SER B 250 1.14 8.43 2.88
N PHE B 251 1.15 9.71 2.50
CA PHE B 251 1.34 10.78 3.48
C PHE B 251 0.18 10.80 4.49
N SER B 252 -1.04 10.66 3.99
CA SER B 252 -2.20 10.64 4.86
C SER B 252 -2.21 9.40 5.74
N PHE B 253 -1.68 8.29 5.23
CA PHE B 253 -1.53 7.06 6.00
C PHE B 253 -0.68 7.33 7.24
N LEU B 254 0.42 8.07 7.08
CA LEU B 254 1.24 8.46 8.21
C LEU B 254 0.44 9.37 9.14
N LYS B 255 -0.24 10.34 8.54
CA LYS B 255 -1.00 11.34 9.27
C LYS B 255 -2.03 10.72 10.22
N ILE B 256 -2.85 9.80 9.71
CA ILE B 256 -3.92 9.21 10.52
C ILE B 256 -3.40 8.18 11.53
N ASN B 257 -2.16 7.73 11.35
CA ASN B 257 -1.52 6.85 12.32
C ASN B 257 -0.86 7.62 13.44
N GLY B 258 -0.93 8.94 13.36
CA GLY B 258 -0.39 9.80 14.41
C GLY B 258 1.12 9.89 14.40
N VAL B 259 1.74 9.62 13.24
CA VAL B 259 3.20 9.65 13.13
C VAL B 259 3.72 11.08 13.28
N PHE B 260 3.00 12.03 12.73
CA PHE B 260 3.43 13.44 12.75
C PHE B 260 3.18 14.10 14.11
N ASP B 261 2.47 13.42 15.00
CA ASP B 261 2.32 13.88 16.38
C ASP B 261 3.47 13.37 17.24
N LYS B 262 4.37 12.60 16.62
CA LYS B 262 5.44 11.93 17.35
C LYS B 262 6.82 12.38 16.92
N VAL B 263 7.08 12.35 15.61
CA VAL B 263 8.40 12.64 15.09
C VAL B 263 8.78 14.11 15.25
N SER B 264 10.07 14.35 15.47
CA SER B 264 10.58 15.71 15.66
C SER B 264 11.05 16.36 14.36
N GLY B 265 11.14 15.58 13.29
CA GLY B 265 11.55 16.09 12.00
C GLY B 265 11.36 15.11 10.86
N ILE B 266 11.38 15.62 9.63
CA ILE B 266 11.17 14.80 8.45
C ILE B 266 12.22 15.05 7.38
N ILE B 267 12.78 13.97 6.85
CA ILE B 267 13.68 14.03 5.70
C ILE B 267 13.01 13.32 4.53
N LEU B 268 12.75 14.05 3.45
CA LEU B 268 12.08 13.49 2.28
C LEU B 268 13.05 13.37 1.12
N GLY B 269 13.19 12.16 0.57
CA GLY B 269 14.09 11.94 -0.54
C GLY B 269 13.55 12.50 -1.85
N LYS B 270 14.42 12.61 -2.84
CA LYS B 270 13.98 12.96 -4.18
C LYS B 270 13.01 11.89 -4.66
N HIS B 271 12.15 12.25 -5.61
CA HIS B 271 11.19 11.31 -6.17
C HIS B 271 11.47 11.03 -7.63
N GLU B 272 12.14 9.91 -7.91
CA GLU B 272 12.51 9.54 -9.26
C GLU B 272 11.29 9.48 -10.18
N GLN B 273 11.36 10.18 -11.31
CA GLN B 273 10.32 10.12 -12.32
C GLN B 273 8.93 10.35 -11.73
N PHE B 274 8.81 11.36 -10.88
CA PHE B 274 7.52 11.69 -10.27
C PHE B 274 6.49 12.08 -11.32
N ASP B 275 5.27 11.60 -11.14
CA ASP B 275 4.16 11.92 -12.00
C ASP B 275 3.22 12.84 -11.23
N ASP B 276 3.19 14.12 -11.59
CA ASP B 276 2.47 15.11 -10.81
C ASP B 276 1.00 15.19 -11.21
N CYS B 277 0.59 14.37 -12.16
CA CYS B 277 -0.82 14.29 -12.57
C CYS B 277 -1.32 15.62 -13.12
N GLY B 278 -0.40 16.45 -13.60
CA GLY B 278 -0.74 17.72 -14.22
C GLY B 278 -0.89 18.88 -13.24
N THR B 279 -0.70 18.60 -11.95
CA THR B 279 -0.90 19.61 -10.92
C THR B 279 0.30 20.56 -10.83
N ASN B 280 1.43 20.14 -11.37
CA ASN B 280 2.69 20.88 -11.21
C ASN B 280 3.02 21.15 -9.74
N ARG B 281 2.60 20.24 -8.89
CA ARG B 281 2.95 20.29 -7.47
C ARG B 281 4.07 19.29 -7.20
N LYS B 282 4.96 19.66 -6.28
CA LYS B 282 6.05 18.80 -5.90
C LYS B 282 5.65 17.99 -4.68
N PRO B 283 6.27 16.82 -4.48
CA PRO B 283 5.87 15.95 -3.38
C PRO B 283 5.83 16.60 -2.00
N TYR B 284 6.79 17.49 -1.69
CA TYR B 284 6.78 18.13 -0.38
C TYR B 284 5.56 19.03 -0.22
N GLU B 285 5.07 19.56 -1.34
CA GLU B 285 3.87 20.40 -1.32
C GLU B 285 2.63 19.60 -0.95
N ILE B 286 2.57 18.37 -1.45
CA ILE B 286 1.46 17.49 -1.15
C ILE B 286 1.56 17.06 0.31
N LEU B 287 2.79 16.83 0.77
CA LEU B 287 3.04 16.53 2.17
C LEU B 287 2.65 17.73 3.03
N LEU B 288 2.87 18.94 2.51
CA LEU B 288 2.56 20.15 3.27
C LEU B 288 1.06 20.26 3.50
N GLU B 289 0.27 19.93 2.49
CA GLU B 289 -1.18 19.98 2.66
C GLU B 289 -1.63 19.01 3.74
N VAL B 290 -1.13 17.78 3.69
CA VAL B 290 -1.50 16.76 4.66
C VAL B 290 -1.15 17.22 6.08
N LEU B 291 -0.02 17.90 6.23
CA LEU B 291 0.43 18.34 7.55
C LEU B 291 -0.44 19.47 8.12
N GLN B 292 -1.08 20.24 7.25
CA GLN B 292 -1.97 21.31 7.67
C GLN B 292 -1.32 22.24 8.68
N ASN B 293 -0.27 22.94 8.24
CA ASN B 293 0.39 23.95 9.04
C ASN B 293 0.86 23.47 10.42
N GLN B 294 1.12 22.17 10.55
CA GLN B 294 1.83 21.68 11.74
C GLN B 294 3.32 21.90 11.49
N ARG B 295 3.96 22.64 12.37
CA ARG B 295 5.35 23.02 12.17
C ARG B 295 6.32 21.90 12.51
N ILE B 296 6.70 21.13 11.50
CA ILE B 296 7.69 20.08 11.66
C ILE B 296 8.84 20.38 10.71
N PRO B 297 10.07 20.53 11.25
CA PRO B 297 11.18 20.81 10.35
C PRO B 297 11.22 19.78 9.24
N LEU B 298 11.31 20.22 7.99
CA LEU B 298 11.22 19.31 6.86
C LEU B 298 12.25 19.67 5.80
N LEU B 299 13.18 18.75 5.58
CA LEU B 299 14.21 18.90 4.56
C LEU B 299 13.95 17.90 3.44
N ALA B 300 13.76 18.39 2.22
CA ALA B 300 13.37 17.54 1.11
C ALA B 300 14.45 17.38 0.05
N ASP B 301 14.21 16.49 -0.91
CA ASP B 301 15.15 16.18 -1.97
C ASP B 301 16.48 15.68 -1.42
N PHE B 302 16.42 14.95 -0.30
CA PHE B 302 17.60 14.26 0.22
C PHE B 302 18.02 13.14 -0.74
N ASP B 303 19.33 12.99 -0.98
CA ASP B 303 19.83 12.06 -1.99
C ASP B 303 20.05 10.66 -1.45
N CYS B 304 18.99 10.04 -0.97
CA CYS B 304 19.02 8.68 -0.52
C CYS B 304 17.71 8.03 -0.98
N CYS B 305 17.74 7.57 -2.21
CA CYS B 305 16.53 7.15 -2.93
C CYS B 305 16.91 6.56 -4.29
N HIS B 306 15.96 6.51 -5.22
CA HIS B 306 16.19 5.86 -6.51
C HIS B 306 16.98 6.73 -7.49
N THR B 307 17.22 8.00 -7.15
CA THR B 307 18.01 8.86 -8.00
C THR B 307 19.50 8.58 -7.80
N HIS B 308 20.32 9.02 -8.75
CA HIS B 308 21.77 8.86 -8.67
C HIS B 308 22.44 10.21 -8.46
N PRO B 309 23.51 10.26 -7.65
CA PRO B 309 24.08 9.12 -6.92
C PRO B 309 23.34 8.87 -5.62
N MET B 310 23.72 7.83 -4.90
CA MET B 310 23.01 7.46 -3.68
C MET B 310 23.91 7.48 -2.45
N ILE B 311 23.43 8.14 -1.41
CA ILE B 311 24.06 8.16 -0.10
C ILE B 311 23.75 6.86 0.62
N THR B 312 24.66 6.41 1.50
CA THR B 312 24.38 5.28 2.37
C THR B 312 24.06 5.78 3.78
N MET B 313 22.85 5.49 4.24
CA MET B 313 22.33 6.03 5.48
C MET B 313 22.12 4.94 6.52
N PRO B 314 22.76 5.08 7.70
CA PRO B 314 22.43 4.15 8.79
C PRO B 314 21.01 4.37 9.28
N ILE B 315 20.32 3.28 9.61
CA ILE B 315 18.96 3.35 10.12
C ILE B 315 18.95 2.85 11.55
N GLY B 316 18.32 3.60 12.44
CA GLY B 316 18.19 3.19 13.83
C GLY B 316 19.19 3.86 14.76
N VAL B 317 19.86 4.91 14.28
CA VAL B 317 20.82 5.64 15.10
C VAL B 317 20.45 7.10 15.22
N GLN B 318 21.02 7.79 16.19
CA GLN B 318 20.74 9.20 16.42
C GLN B 318 21.25 10.06 15.27
N VAL B 319 20.44 11.02 14.85
CA VAL B 319 20.81 11.91 13.75
C VAL B 319 20.38 13.33 14.10
N LYS B 320 21.13 14.31 13.62
CA LYS B 320 20.71 15.70 13.73
C LYS B 320 20.44 16.24 12.34
N MET B 321 19.22 16.69 12.14
CA MET B 321 18.81 17.32 10.91
C MET B 321 18.67 18.80 11.19
N ASP B 322 19.09 19.61 10.24
CA ASP B 322 18.84 21.03 10.31
C ASP B 322 18.22 21.36 8.97
N ALA B 323 16.90 21.53 8.96
CA ALA B 323 16.20 21.80 7.72
C ALA B 323 16.58 23.19 7.21
N THR B 324 16.71 24.14 8.12
CA THR B 324 17.07 25.50 7.77
C THR B 324 18.45 25.57 7.14
N ASN B 325 19.44 25.00 7.82
CA ASN B 325 20.80 25.02 7.33
C ASN B 325 21.15 23.76 6.57
N LYS B 326 20.15 22.90 6.40
CA LYS B 326 20.23 21.88 5.40
C LYS B 326 21.40 20.91 5.62
N THR B 327 21.44 20.32 6.80
CA THR B 327 22.53 19.44 7.18
C THR B 327 21.98 18.17 7.80
N ILE B 328 22.75 17.09 7.69
CA ILE B 328 22.42 15.87 8.40
C ILE B 328 23.70 15.32 9.00
N HIS B 329 23.65 15.02 10.28
CA HIS B 329 24.80 14.51 11.01
C HIS B 329 24.42 13.22 11.72
N ILE B 330 25.27 12.20 11.59
CA ILE B 330 25.08 10.96 12.35
C ILE B 330 25.85 11.08 13.66
N LEU B 331 25.13 11.08 14.79
CA LEU B 331 25.75 11.38 16.07
C LEU B 331 26.10 10.16 16.93
N GLU B 332 25.79 8.96 16.45
CA GLU B 332 26.17 7.77 17.21
C GLU B 332 26.70 6.66 16.31
N LYS B 333 27.54 5.80 16.88
CA LYS B 333 28.26 4.80 16.12
C LYS B 333 27.32 3.77 15.52
N TRP B 334 27.52 3.49 14.23
CA TRP B 334 26.70 2.50 13.52
C TRP B 334 27.51 1.25 13.16
N LYS B 335 28.80 1.26 13.46
CA LYS B 335 29.66 0.11 13.20
C LYS B 335 30.90 0.12 14.09
N ILE B 336 31.60 -1.02 14.15
CA ILE B 336 32.88 -1.10 14.86
C ILE B 336 34.05 -0.81 13.92
P AMP C . -12.12 2.77 -8.59
O1P AMP C . -13.00 3.19 -7.45
O2P AMP C . -11.30 3.83 -9.30
O3P AMP C . -11.19 1.66 -8.15
O5' AMP C . -13.00 1.97 -9.66
C5' AMP C . -13.27 2.52 -10.93
C4' AMP C . -13.63 1.46 -11.93
O4' AMP C . -14.32 2.04 -13.05
C3' AMP C . -12.47 0.71 -12.56
O3' AMP C . -11.95 -0.31 -11.73
C2' AMP C . -13.07 0.20 -13.86
O2' AMP C . -13.83 -0.98 -13.62
C1' AMP C . -14.04 1.33 -14.22
N9 AMP C . -13.45 2.26 -15.21
C8 AMP C . -12.87 3.45 -14.93
N7 AMP C . -12.45 4.05 -16.08
C5 AMP C . -12.77 3.25 -17.10
C6 AMP C . -12.62 3.28 -18.57
N6 AMP C . -12.02 4.31 -19.20
N1 AMP C . -13.10 2.22 -19.28
C2 AMP C . -13.70 1.17 -18.68
N3 AMP C . -13.87 1.08 -17.35
C4 AMP C . -13.43 2.07 -16.52
C1 GOL D . -4.71 -3.07 13.01
O1 GOL D . -5.11 -1.81 12.58
C2 GOL D . -5.80 -3.64 13.90
O2 GOL D . -5.19 -4.22 15.05
C3 GOL D . -6.56 -4.69 13.08
O3 GOL D . -6.41 -5.94 13.70
P AMP E . 13.50 -0.96 -7.58
O1P AMP E . 12.32 -0.23 -6.98
O2P AMP E . 14.41 -1.73 -6.66
O3P AMP E . 12.99 -1.87 -8.68
O5' AMP E . 14.35 0.04 -8.47
C5' AMP E . 15.00 -0.39 -9.66
C4' AMP E . 15.63 0.75 -10.40
O4' AMP E . 16.00 0.31 -11.74
C3' AMP E . 14.74 1.98 -10.58
O3' AMP E . 15.53 3.16 -10.46
C2' AMP E . 14.26 1.84 -12.02
O2' AMP E . 13.89 3.05 -12.64
C1' AMP E . 15.46 1.19 -12.69
N9 AMP E . 15.13 0.44 -13.89
C8 AMP E . 14.68 -0.83 -13.94
N7 AMP E . 14.46 -1.23 -15.22
C5 AMP E . 14.80 -0.20 -16.02
C6 AMP E . 14.82 0.05 -17.49
N6 AMP E . 14.44 -0.90 -18.37
N1 AMP E . 15.24 1.27 -17.90
C2 AMP E . 15.63 2.23 -17.04
N3 AMP E . 15.63 2.06 -15.70
C4 AMP E . 15.23 0.88 -15.15
#